data_3VS1
#
_entry.id   3VS1
#
_cell.length_a   49.030
_cell.length_b   73.270
_cell.length_c   179.850
_cell.angle_alpha   90.00
_cell.angle_beta   96.21
_cell.angle_gamma   90.00
#
_symmetry.space_group_name_H-M   'P 1 21 1'
#
loop_
_entity.id
_entity.type
_entity.pdbx_description
1 polymer 'Tyrosine-protein kinase HCK'
2 non-polymer 'CALCIUM ION'
3 non-polymer 'CHLORIDE ION'
4 non-polymer 1-[4-(4-amino-7-cyclopentyl-7H-pyrrolo[2,3-d]pyrimidin-5-yl)phenyl]-3-phenylurea
5 water water
#
_entity_poly.entity_id   1
_entity_poly.type   'polypeptide(L)'
_entity_poly.pdbx_seq_one_letter_code
;GAMGSGIRIIVVALYDYEAIHHEDLSFQKGDQMVVLEESGEWWKARSLATRKEGYIPSNYVARVDSLETEEWFFKGISRK
DAERQLLAPGNMLGSFMIRDSETTKGSYSLSVRDYDPRQGDTVKHYKIRTLDNGGFYISPRSTFSTLQELVDHYKKGNDG
LCQKLSVPCMSSKPQKPWEKDAWEIPRESLKLEKKLGAGQFGEVWMATYNKHTKVAVKTMKPGSMSVEAFLAEANVMKTL
QHDKLVKLHAVVTKEPIYIITEFMAKGSLLDFLKSDEGSKQPLPKLIDFSAQIAEGMAFIEQRNYIHRDLRAANILVSAS
LVCKIADFGLARVIEDNEYTAREGAKFPIKWTAPEAINFGSFTIKSDVWSFGILLMEIVTYGRIPYPGMSNPEVIRALER
GYRMPRPENCPEELYNIMMRCWKNRPEERPTFEYIQSVLDDFYTATESQ(PTR)EEIP
;
_entity_poly.pdbx_strand_id   A,B
#
# COMPACT_ATOMS: atom_id res chain seq x y z
N ARG A 8 13.69 -37.37 26.92
CA ARG A 8 13.88 -38.25 25.77
C ARG A 8 13.02 -37.79 24.59
N ILE A 9 13.60 -36.95 23.74
CA ILE A 9 12.90 -36.38 22.61
C ILE A 9 12.82 -37.36 21.45
N ILE A 10 11.65 -37.43 20.81
CA ILE A 10 11.47 -38.31 19.66
C ILE A 10 10.95 -37.53 18.47
N VAL A 11 11.55 -37.74 17.30
CA VAL A 11 11.08 -37.12 16.07
C VAL A 11 10.70 -38.18 15.04
N VAL A 12 10.08 -37.74 13.94
CA VAL A 12 9.65 -38.63 12.87
C VAL A 12 10.02 -38.01 11.51
N ALA A 13 10.21 -38.85 10.49
CA ALA A 13 10.71 -38.39 9.20
C ALA A 13 9.58 -37.99 8.24
N LEU A 14 9.67 -36.78 7.71
CA LEU A 14 8.65 -36.25 6.81
C LEU A 14 8.91 -36.67 5.37
N TYR A 15 10.17 -36.90 5.03
CA TYR A 15 10.55 -37.34 3.69
C TYR A 15 11.67 -38.36 3.74
N ASP A 16 11.80 -39.15 2.68
CA ASP A 16 12.92 -40.07 2.54
C ASP A 16 14.22 -39.29 2.42
N TYR A 17 15.30 -39.86 2.94
CA TYR A 17 16.61 -39.22 2.83
C TYR A 17 17.73 -40.24 2.64
N GLU A 18 18.55 -40.02 1.63
CA GLU A 18 19.75 -40.83 1.42
C GLU A 18 20.97 -40.14 2.00
N ALA A 19 21.73 -40.86 2.81
CA ALA A 19 22.98 -40.33 3.36
C ALA A 19 23.95 -40.09 2.21
N ILE A 20 24.71 -39.00 2.28
CA ILE A 20 25.69 -38.68 1.25
C ILE A 20 27.06 -38.33 1.84
N HIS A 21 27.10 -38.12 3.15
CA HIS A 21 28.36 -37.82 3.82
C HIS A 21 28.85 -39.05 4.57
N HIS A 22 29.79 -38.83 5.49
CA HIS A 22 30.35 -39.93 6.28
C HIS A 22 29.48 -40.34 7.46
N GLU A 23 29.04 -39.37 8.25
CA GLU A 23 28.39 -39.66 9.51
C GLU A 23 26.88 -39.45 9.56
N ASP A 24 26.26 -39.20 8.40
CA ASP A 24 24.82 -38.97 8.38
C ASP A 24 24.04 -40.25 8.11
N LEU A 25 22.80 -40.29 8.59
CA LEU A 25 21.97 -41.47 8.48
C LEU A 25 21.06 -41.43 7.27
N SER A 26 20.79 -42.60 6.69
CA SER A 26 19.69 -42.74 5.74
C SER A 26 18.42 -42.99 6.52
N PHE A 27 17.29 -42.52 6.00
CA PHE A 27 16.01 -42.85 6.61
C PHE A 27 14.85 -42.69 5.65
N GLN A 28 13.77 -43.41 5.94
CA GLN A 28 12.58 -43.37 5.11
C GLN A 28 11.48 -42.54 5.77
N LYS A 29 10.57 -42.05 4.93
CA LYS A 29 9.38 -41.32 5.39
C LYS A 29 8.63 -42.16 6.40
N GLY A 30 8.52 -41.66 7.63
CA GLY A 30 7.79 -42.35 8.67
C GLY A 30 8.68 -42.92 9.77
N ASP A 31 9.95 -43.11 9.48
CA ASP A 31 10.91 -43.58 10.47
C ASP A 31 10.99 -42.60 11.63
N GLN A 32 11.04 -43.12 12.85
CA GLN A 32 11.23 -42.29 14.02
C GLN A 32 12.66 -42.42 14.51
N MET A 33 13.10 -41.49 15.35
CA MET A 33 14.45 -41.55 15.90
C MET A 33 14.58 -40.69 17.16
N VAL A 34 15.53 -41.07 18.01
CA VAL A 34 15.78 -40.34 19.24
C VAL A 34 16.81 -39.24 19.01
N VAL A 35 16.46 -38.02 19.37
CA VAL A 35 17.38 -36.90 19.22
C VAL A 35 18.46 -36.93 20.30
N LEU A 36 19.72 -36.91 19.86
CA LEU A 36 20.84 -36.94 20.79
C LEU A 36 21.45 -35.55 20.95
N GLU A 37 21.59 -34.83 19.85
CA GLU A 37 22.15 -33.48 19.90
C GLU A 37 21.49 -32.52 18.93
N GLU A 38 21.23 -31.30 19.41
CA GLU A 38 20.66 -30.24 18.59
C GLU A 38 21.72 -29.18 18.32
N SER A 39 22.29 -29.22 17.12
CA SER A 39 23.41 -28.35 16.79
C SER A 39 23.22 -27.60 15.48
N GLY A 40 21.98 -27.18 15.21
CA GLY A 40 21.70 -26.36 14.05
C GLY A 40 20.90 -27.05 12.97
N GLU A 41 21.42 -27.05 11.75
CA GLU A 41 20.73 -27.66 10.62
C GLU A 41 20.86 -29.18 10.67
N TRP A 42 21.89 -29.63 11.38
CA TRP A 42 22.13 -31.06 11.54
C TRP A 42 21.94 -31.49 12.99
N TRP A 43 21.23 -32.60 13.18
CA TRP A 43 21.03 -33.15 14.51
C TRP A 43 21.61 -34.54 14.62
N LYS A 44 22.28 -34.82 15.73
CA LYS A 44 22.73 -36.18 16.01
C LYS A 44 21.53 -36.95 16.52
N ALA A 45 21.27 -38.10 15.91
CA ALA A 45 20.10 -38.89 16.27
C ALA A 45 20.36 -40.38 16.19
N ARG A 46 19.44 -41.15 16.75
CA ARG A 46 19.51 -42.60 16.67
C ARG A 46 18.23 -43.15 16.06
N SER A 47 18.34 -43.66 14.85
CA SER A 47 17.20 -44.28 14.17
C SER A 47 16.67 -45.44 14.99
N LEU A 48 15.35 -45.53 15.11
CA LEU A 48 14.74 -46.65 15.83
C LEU A 48 14.52 -47.82 14.89
N ALA A 49 14.68 -47.57 13.59
CA ALA A 49 14.47 -48.60 12.58
C ALA A 49 15.77 -49.33 12.25
N THR A 50 16.90 -48.66 12.45
CA THR A 50 18.19 -49.23 12.11
C THR A 50 19.13 -49.33 13.32
N ARG A 51 18.84 -48.53 14.34
CA ARG A 51 19.64 -48.44 15.57
C ARG A 51 20.96 -47.68 15.36
N LYS A 52 21.14 -47.15 14.16
CA LYS A 52 22.37 -46.43 13.83
C LYS A 52 22.34 -45.00 14.36
N GLU A 53 23.46 -44.55 14.92
CA GLU A 53 23.58 -43.18 15.38
C GLU A 53 24.35 -42.35 14.36
N GLY A 54 23.95 -41.10 14.20
CA GLY A 54 24.57 -40.23 13.23
C GLY A 54 23.80 -38.92 13.06
N TYR A 55 24.09 -38.21 11.97
CA TYR A 55 23.49 -36.89 11.78
C TYR A 55 22.34 -36.87 10.78
N ILE A 56 21.33 -36.07 11.11
CA ILE A 56 20.16 -35.92 10.26
C ILE A 56 19.89 -34.44 9.99
N PRO A 57 19.40 -34.11 8.79
CA PRO A 57 19.01 -32.72 8.55
C PRO A 57 17.79 -32.37 9.38
N SER A 58 17.93 -31.39 10.26
CA SER A 58 16.90 -31.07 11.26
C SER A 58 15.59 -30.57 10.65
N ASN A 59 15.63 -30.12 9.41
CA ASN A 59 14.45 -29.64 8.72
C ASN A 59 13.70 -30.77 8.00
N TYR A 60 14.18 -31.99 8.17
CA TYR A 60 13.57 -33.17 7.56
C TYR A 60 12.69 -33.91 8.54
N VAL A 61 12.76 -33.51 9.81
CA VAL A 61 12.02 -34.18 10.87
C VAL A 61 11.22 -33.21 11.75
N ALA A 62 10.16 -33.72 12.34
CA ALA A 62 9.35 -32.94 13.27
C ALA A 62 9.00 -33.78 14.49
N ARG A 63 8.73 -33.11 15.61
CA ARG A 63 8.34 -33.82 16.82
C ARG A 63 7.09 -34.66 16.57
N VAL A 64 7.09 -35.87 17.10
CA VAL A 64 6.00 -36.82 16.87
C VAL A 64 4.68 -36.27 17.38
N ASP A 65 3.61 -36.55 16.65
CA ASP A 65 2.25 -36.10 16.99
C ASP A 65 2.10 -34.59 16.98
N SER A 66 3.07 -33.89 16.42
CA SER A 66 2.96 -32.44 16.26
C SER A 66 2.44 -32.14 14.87
N LEU A 67 1.85 -30.96 14.70
CA LEU A 67 1.12 -30.61 13.47
C LEU A 67 1.88 -30.82 12.16
N GLU A 68 3.19 -30.60 12.19
CA GLU A 68 4.02 -30.70 10.99
C GLU A 68 4.04 -32.11 10.42
N THR A 69 3.68 -33.09 11.25
CA THR A 69 3.64 -34.48 10.81
C THR A 69 2.47 -34.73 9.87
N GLU A 70 1.46 -33.85 9.93
CA GLU A 70 0.30 -33.98 9.07
C GLU A 70 0.63 -33.51 7.66
N GLU A 71 0.06 -34.20 6.67
CA GLU A 71 0.34 -33.91 5.26
C GLU A 71 -0.31 -32.61 4.80
N TRP A 72 -1.29 -32.13 5.57
CA TRP A 72 -2.01 -30.91 5.19
C TRP A 72 -1.56 -29.67 5.95
N PHE A 73 -0.61 -29.84 6.86
CA PHE A 73 -0.09 -28.69 7.60
C PHE A 73 1.22 -28.16 7.01
N PHE A 74 1.34 -26.84 6.99
CA PHE A 74 2.51 -26.19 6.41
C PHE A 74 3.01 -25.07 7.32
N LYS A 75 4.03 -25.36 8.11
CA LYS A 75 4.53 -24.41 9.10
C LYS A 75 5.29 -23.23 8.47
N GLY A 76 5.04 -22.04 9.01
CA GLY A 76 5.79 -20.84 8.64
C GLY A 76 5.53 -20.32 7.24
N ILE A 77 4.31 -20.51 6.75
CA ILE A 77 3.99 -20.15 5.38
C ILE A 77 3.05 -18.95 5.27
N SER A 78 3.52 -17.90 4.60
CA SER A 78 2.74 -16.69 4.40
C SER A 78 1.57 -16.95 3.47
N ARG A 79 0.60 -16.03 3.48
CA ARG A 79 -0.59 -16.15 2.65
C ARG A 79 -0.23 -16.24 1.17
N LYS A 80 0.78 -15.46 0.76
CA LYS A 80 1.20 -15.43 -0.64
C LYS A 80 2.04 -16.65 -1.00
N ASP A 81 2.88 -17.11 -0.07
CA ASP A 81 3.65 -18.33 -0.28
C ASP A 81 2.70 -19.52 -0.43
N ALA A 82 1.67 -19.54 0.41
CA ALA A 82 0.63 -20.57 0.34
C ALA A 82 -0.05 -20.51 -1.01
N GLU A 83 -0.24 -19.29 -1.52
CA GLU A 83 -0.83 -19.08 -2.82
C GLU A 83 0.09 -19.58 -3.93
N ARG A 84 1.39 -19.32 -3.77
CA ARG A 84 2.38 -19.79 -4.74
C ARG A 84 2.48 -21.30 -4.75
N GLN A 85 2.59 -21.91 -3.57
CA GLN A 85 2.71 -23.36 -3.46
C GLN A 85 1.50 -24.10 -4.01
N LEU A 86 0.31 -23.56 -3.74
CA LEU A 86 -0.93 -24.20 -4.18
C LEU A 86 -1.15 -24.10 -5.68
N LEU A 87 -0.50 -23.12 -6.32
CA LEU A 87 -0.69 -22.89 -7.75
C LEU A 87 0.39 -23.53 -8.60
N ALA A 88 1.44 -24.03 -7.95
CA ALA A 88 2.52 -24.71 -8.64
C ALA A 88 2.01 -26.02 -9.25
N PRO A 89 2.67 -26.52 -10.32
CA PRO A 89 2.23 -27.76 -10.98
C PRO A 89 2.18 -28.95 -10.04
N GLY A 90 1.23 -29.85 -10.28
CA GLY A 90 1.08 -31.04 -9.44
C GLY A 90 -0.16 -30.95 -8.58
N ASN A 91 -0.74 -29.75 -8.50
CA ASN A 91 -1.95 -29.53 -7.71
C ASN A 91 -3.16 -29.43 -8.61
N MET A 92 -4.33 -29.26 -8.02
CA MET A 92 -5.58 -29.24 -8.76
C MET A 92 -6.70 -28.63 -7.95
N LEU A 93 -7.90 -28.64 -8.52
CA LEU A 93 -9.10 -28.14 -7.84
C LEU A 93 -9.25 -28.77 -6.47
N GLY A 94 -9.41 -27.94 -5.45
CA GLY A 94 -9.68 -28.42 -4.10
C GLY A 94 -8.43 -28.64 -3.27
N SER A 95 -7.26 -28.56 -3.90
CA SER A 95 -5.99 -28.70 -3.18
C SER A 95 -5.92 -27.68 -2.05
N PHE A 96 -5.43 -28.11 -0.89
CA PHE A 96 -5.50 -27.28 0.29
C PHE A 96 -4.34 -27.43 1.26
N MET A 97 -4.33 -26.56 2.26
CA MET A 97 -3.34 -26.62 3.33
C MET A 97 -3.82 -25.83 4.55
N ILE A 98 -3.33 -26.21 5.72
CA ILE A 98 -3.55 -25.43 6.93
C ILE A 98 -2.19 -24.92 7.41
N ARG A 99 -2.14 -23.65 7.76
CA ARG A 99 -0.87 -23.00 8.08
C ARG A 99 -1.05 -22.00 9.19
N ASP A 100 0.07 -21.52 9.73
CA ASP A 100 0.04 -20.45 10.73
C ASP A 100 -0.48 -19.18 10.09
N SER A 101 -1.43 -18.54 10.76
CA SER A 101 -1.94 -17.25 10.30
C SER A 101 -0.82 -16.23 10.33
N GLU A 102 -0.72 -15.45 9.25
CA GLU A 102 0.31 -14.43 9.14
C GLU A 102 -0.06 -13.21 9.96
N THR A 103 -1.38 -12.97 10.07
CA THR A 103 -1.88 -11.81 10.78
C THR A 103 -2.28 -12.14 12.21
N THR A 104 -3.07 -13.19 12.38
CA THR A 104 -3.46 -13.63 13.73
C THR A 104 -2.35 -14.50 14.31
N LYS A 105 -1.23 -13.87 14.65
CA LYS A 105 -0.03 -14.58 15.05
C LYS A 105 -0.20 -15.48 16.26
N GLY A 106 -0.72 -16.69 16.02
CA GLY A 106 -0.93 -17.66 17.07
C GLY A 106 -2.01 -18.64 16.66
N SER A 107 -2.76 -18.27 15.63
CA SER A 107 -3.85 -19.11 15.14
C SER A 107 -3.53 -19.60 13.73
N TYR A 108 -4.40 -20.44 13.19
CA TYR A 108 -4.14 -21.09 11.91
C TYR A 108 -5.22 -20.79 10.88
N SER A 109 -4.84 -20.78 9.60
CA SER A 109 -5.77 -20.46 8.53
C SER A 109 -5.82 -21.58 7.48
N LEU A 110 -6.90 -21.60 6.70
CA LEU A 110 -7.05 -22.58 5.63
C LEU A 110 -6.90 -21.92 4.26
N SER A 111 -6.20 -22.59 3.36
CA SER A 111 -6.02 -22.10 2.00
C SER A 111 -6.42 -23.15 0.98
N VAL A 112 -7.34 -22.80 0.09
CA VAL A 112 -7.92 -23.74 -0.86
C VAL A 112 -7.78 -23.26 -2.30
N ARG A 113 -7.51 -24.19 -3.22
CA ARG A 113 -7.39 -23.87 -4.63
C ARG A 113 -8.74 -23.90 -5.32
N ASP A 114 -8.98 -22.94 -6.20
CA ASP A 114 -10.24 -22.82 -6.92
C ASP A 114 -9.99 -22.48 -8.38
N TYR A 115 -11.01 -22.67 -9.22
CA TYR A 115 -10.99 -22.11 -10.56
C TYR A 115 -12.12 -21.10 -10.71
N ASP A 116 -11.84 -20.02 -11.44
CA ASP A 116 -12.82 -18.96 -11.66
C ASP A 116 -12.75 -18.56 -13.12
N PRO A 117 -13.88 -18.68 -13.84
CA PRO A 117 -13.94 -18.50 -15.30
C PRO A 117 -13.40 -17.15 -15.77
N ARG A 118 -13.51 -16.14 -14.91
CA ARG A 118 -13.04 -14.80 -15.26
C ARG A 118 -11.57 -14.62 -14.91
N GLN A 119 -11.26 -14.70 -13.63
CA GLN A 119 -9.88 -14.56 -13.18
C GLN A 119 -9.02 -15.71 -13.70
N GLY A 120 -9.27 -16.91 -13.18
CA GLY A 120 -8.54 -18.10 -13.60
C GLY A 120 -8.39 -19.05 -12.44
N ASP A 121 -7.21 -19.64 -12.30
CA ASP A 121 -6.90 -20.41 -11.11
C ASP A 121 -6.61 -19.45 -9.98
N THR A 122 -7.26 -19.64 -8.84
CA THR A 122 -7.08 -18.74 -7.71
C THR A 122 -6.90 -19.50 -6.41
N VAL A 123 -6.58 -18.77 -5.34
CA VAL A 123 -6.46 -19.34 -4.02
C VAL A 123 -7.25 -18.50 -3.02
N LYS A 124 -8.21 -19.13 -2.36
CA LYS A 124 -9.03 -18.45 -1.36
C LYS A 124 -8.55 -18.82 0.04
N HIS A 125 -8.56 -17.85 0.94
CA HIS A 125 -8.08 -18.07 2.30
C HIS A 125 -9.19 -17.89 3.33
N TYR A 126 -9.35 -18.89 4.20
CA TYR A 126 -10.37 -18.86 5.23
C TYR A 126 -9.74 -18.87 6.61
N LYS A 127 -10.06 -17.87 7.43
CA LYS A 127 -9.55 -17.81 8.80
C LYS A 127 -10.20 -18.87 9.67
N ILE A 128 -9.58 -19.16 10.81
CA ILE A 128 -10.05 -20.24 11.69
C ILE A 128 -9.84 -19.89 13.17
N ARG A 129 -10.94 -19.94 13.93
CA ARG A 129 -10.96 -19.79 15.39
C ARG A 129 -9.93 -18.80 15.96
N SER A 139 -16.62 -21.36 10.58
CA SER A 139 -17.89 -20.75 10.96
C SER A 139 -18.37 -21.29 12.30
N PRO A 140 -18.93 -20.40 13.14
CA PRO A 140 -19.52 -20.76 14.44
C PRO A 140 -20.61 -21.84 14.31
N ARG A 141 -21.11 -22.03 13.10
CA ARG A 141 -22.09 -23.07 12.84
C ARG A 141 -21.44 -24.42 12.54
N SER A 142 -20.22 -24.60 13.05
CA SER A 142 -19.53 -25.88 12.92
C SER A 142 -18.49 -26.05 14.03
N THR A 143 -18.65 -27.10 14.82
CA THR A 143 -17.71 -27.41 15.88
C THR A 143 -17.03 -28.75 15.65
N PHE A 144 -15.80 -28.70 15.18
CA PHE A 144 -14.98 -29.90 15.03
C PHE A 144 -14.02 -29.97 16.21
N SER A 145 -13.71 -31.18 16.66
CA SER A 145 -12.88 -31.37 17.85
C SER A 145 -11.54 -30.65 17.73
N THR A 146 -10.72 -31.08 16.79
CA THR A 146 -9.51 -30.34 16.43
C THR A 146 -9.32 -30.31 14.91
N LEU A 147 -8.18 -29.78 14.48
CA LEU A 147 -7.95 -29.43 13.08
C LEU A 147 -8.14 -30.61 12.11
N GLN A 148 -7.87 -31.83 12.57
CA GLN A 148 -8.03 -33.01 11.74
C GLN A 148 -9.48 -33.18 11.28
N GLU A 149 -10.39 -33.15 12.24
CA GLU A 149 -11.82 -33.32 11.96
C GLU A 149 -12.32 -32.26 10.98
N LEU A 150 -11.80 -31.04 11.12
CA LEU A 150 -12.15 -29.93 10.24
C LEU A 150 -11.90 -30.33 8.80
N VAL A 151 -10.69 -30.81 8.54
CA VAL A 151 -10.31 -31.30 7.23
C VAL A 151 -11.27 -32.38 6.76
N ASP A 152 -11.49 -33.37 7.63
CA ASP A 152 -12.28 -34.55 7.31
C ASP A 152 -13.66 -34.25 6.72
N HIS A 153 -14.31 -33.19 7.21
CA HIS A 153 -15.64 -32.85 6.75
C HIS A 153 -15.67 -32.24 5.35
N TYR A 154 -14.90 -31.18 5.16
CA TYR A 154 -14.96 -30.40 3.93
C TYR A 154 -14.50 -31.14 2.68
N LYS A 155 -14.04 -32.38 2.86
CA LYS A 155 -13.59 -33.20 1.74
C LYS A 155 -14.77 -33.77 0.97
N LYS A 156 -15.88 -34.00 1.66
CA LYS A 156 -17.09 -34.50 1.02
C LYS A 156 -18.16 -33.43 0.97
N GLY A 157 -18.11 -32.60 -0.07
CA GLY A 157 -19.07 -31.53 -0.24
C GLY A 157 -18.70 -30.30 0.57
N ASN A 158 -18.69 -29.15 -0.09
CA ASN A 158 -18.37 -27.90 0.57
C ASN A 158 -19.47 -27.45 1.54
N ASP A 159 -19.07 -27.09 2.75
CA ASP A 159 -20.01 -26.60 3.74
C ASP A 159 -20.00 -25.08 3.71
N GLY A 160 -19.85 -24.52 2.52
CA GLY A 160 -19.81 -23.09 2.33
C GLY A 160 -18.66 -22.62 1.46
N LEU A 161 -17.61 -23.43 1.40
CA LEU A 161 -16.40 -23.06 0.65
C LEU A 161 -16.68 -22.91 -0.83
N CYS A 162 -15.81 -22.17 -1.52
CA CYS A 162 -15.96 -21.96 -2.96
C CYS A 162 -15.61 -23.24 -3.73
N GLN A 163 -14.88 -24.13 -3.06
CA GLN A 163 -14.56 -25.45 -3.60
C GLN A 163 -14.43 -26.41 -2.44
N LYS A 164 -14.64 -27.69 -2.70
CA LYS A 164 -14.55 -28.69 -1.63
C LYS A 164 -13.18 -29.38 -1.64
N LEU A 165 -12.68 -29.69 -0.45
CA LEU A 165 -11.32 -30.20 -0.29
C LEU A 165 -11.07 -31.53 -1.00
N SER A 166 -9.98 -31.60 -1.76
CA SER A 166 -9.63 -32.81 -2.49
C SER A 166 -8.43 -33.51 -1.88
N VAL A 167 -7.23 -33.00 -2.17
CA VAL A 167 -6.00 -33.55 -1.63
C VAL A 167 -5.16 -32.44 -1.01
N PRO A 168 -4.28 -32.79 -0.06
CA PRO A 168 -3.39 -31.76 0.50
C PRO A 168 -2.46 -31.22 -0.56
N CYS A 169 -1.90 -30.03 -0.31
CA CYS A 169 -1.00 -29.38 -1.27
C CYS A 169 0.26 -30.21 -1.46
N MET A 170 0.75 -30.24 -2.70
CA MET A 170 1.99 -30.94 -3.01
C MET A 170 3.15 -30.31 -2.26
N SER A 171 3.98 -31.16 -1.66
CA SER A 171 5.17 -30.70 -0.97
C SER A 171 6.36 -31.51 -1.44
N SER A 172 7.46 -30.83 -1.72
CA SER A 172 8.67 -31.52 -2.15
C SER A 172 9.70 -31.43 -1.04
N LYS A 173 10.70 -32.32 -1.09
CA LYS A 173 11.77 -32.32 -0.11
C LYS A 173 12.41 -30.94 -0.02
N PRO A 174 12.73 -30.50 1.20
CA PRO A 174 13.49 -29.26 1.38
C PRO A 174 14.88 -29.43 0.81
N GLN A 175 15.56 -28.33 0.53
CA GLN A 175 16.93 -28.42 0.06
C GLN A 175 17.80 -28.99 1.17
N LYS A 176 18.69 -29.91 0.82
CA LYS A 176 19.62 -30.45 1.79
C LYS A 176 20.45 -29.31 2.35
N PRO A 177 20.57 -29.23 3.68
CA PRO A 177 21.49 -28.24 4.24
C PRO A 177 22.93 -28.61 3.89
N TRP A 178 23.81 -27.63 3.87
CA TRP A 178 25.21 -27.85 3.55
C TRP A 178 25.81 -28.72 4.63
N GLU A 179 26.91 -29.38 4.29
CA GLU A 179 27.64 -30.23 5.24
C GLU A 179 28.01 -29.44 6.49
N LYS A 180 27.91 -30.10 7.64
CA LYS A 180 28.24 -29.46 8.91
C LYS A 180 29.73 -29.13 8.99
N ASP A 181 30.02 -27.93 9.52
CA ASP A 181 31.39 -27.44 9.66
C ASP A 181 32.18 -27.54 8.35
N ALA A 182 31.52 -27.17 7.25
CA ALA A 182 32.16 -27.19 5.94
C ALA A 182 32.02 -25.85 5.26
N TRP A 183 32.24 -24.78 6.02
CA TRP A 183 32.20 -23.43 5.47
C TRP A 183 33.50 -23.14 4.73
N GLU A 184 34.62 -23.47 5.36
CA GLU A 184 35.91 -23.44 4.69
C GLU A 184 36.24 -24.84 4.16
N ILE A 185 36.39 -24.94 2.84
CA ILE A 185 36.62 -26.23 2.20
C ILE A 185 37.90 -26.20 1.35
N PRO A 186 38.49 -27.38 1.11
CA PRO A 186 39.64 -27.45 0.21
C PRO A 186 39.18 -27.52 -1.24
N ARG A 187 40.02 -27.04 -2.16
CA ARG A 187 39.67 -26.99 -3.57
C ARG A 187 39.42 -28.39 -4.13
N GLU A 188 40.09 -29.37 -3.53
CA GLU A 188 40.00 -30.77 -3.97
C GLU A 188 38.58 -31.31 -3.95
N SER A 189 37.76 -30.74 -3.07
CA SER A 189 36.37 -31.18 -2.93
C SER A 189 35.54 -30.86 -4.16
N LEU A 190 36.06 -29.98 -5.02
CA LEU A 190 35.31 -29.49 -6.15
C LEU A 190 35.80 -30.00 -7.49
N LYS A 191 34.85 -30.31 -8.37
CA LYS A 191 35.13 -30.51 -9.79
C LYS A 191 34.32 -29.47 -10.57
N LEU A 192 34.99 -28.45 -11.08
CA LEU A 192 34.30 -27.42 -11.85
C LEU A 192 34.11 -27.92 -13.28
N GLU A 193 32.89 -28.31 -13.61
CA GLU A 193 32.63 -29.10 -14.80
C GLU A 193 32.18 -28.31 -16.03
N LYS A 194 31.73 -27.08 -15.83
CA LYS A 194 31.15 -26.31 -16.94
C LYS A 194 31.12 -24.81 -16.65
N LYS A 195 31.80 -24.04 -17.49
CA LYS A 195 31.83 -22.59 -17.32
C LYS A 195 30.53 -21.95 -17.80
N LEU A 196 29.82 -21.31 -16.87
CA LEU A 196 28.50 -20.75 -17.16
C LEU A 196 28.59 -19.30 -17.61
N GLY A 197 29.59 -18.58 -17.11
CA GLY A 197 29.78 -17.19 -17.47
C GLY A 197 31.14 -16.68 -17.07
N ALA A 198 31.70 -15.77 -17.87
CA ALA A 198 32.99 -15.17 -17.57
C ALA A 198 32.83 -13.66 -17.50
N GLY A 199 33.78 -12.99 -16.84
CA GLY A 199 33.68 -11.56 -16.67
C GLY A 199 34.97 -10.86 -16.29
N GLN A 200 34.83 -9.75 -15.59
CA GLN A 200 35.95 -8.87 -15.27
C GLN A 200 36.74 -9.37 -14.07
N PHE A 201 36.05 -9.99 -13.12
CA PHE A 201 36.67 -10.41 -11.87
C PHE A 201 36.73 -11.93 -11.73
N GLY A 202 36.28 -12.64 -12.75
CA GLY A 202 36.33 -14.08 -12.73
C GLY A 202 35.21 -14.77 -13.46
N GLU A 203 34.99 -16.03 -13.12
CA GLU A 203 34.04 -16.88 -13.82
C GLU A 203 33.05 -17.52 -12.87
N VAL A 204 31.97 -18.04 -13.42
CA VAL A 204 31.02 -18.85 -12.66
C VAL A 204 30.93 -20.24 -13.28
N TRP A 205 31.09 -21.26 -12.46
CA TRP A 205 31.12 -22.63 -12.95
C TRP A 205 30.04 -23.49 -12.31
N MET A 206 29.46 -24.38 -13.10
CA MET A 206 28.62 -25.44 -12.57
C MET A 206 29.57 -26.51 -12.06
N ALA A 207 29.48 -26.83 -10.78
CA ALA A 207 30.45 -27.74 -10.17
C ALA A 207 29.80 -28.82 -9.31
N THR A 208 30.64 -29.74 -8.85
CA THR A 208 30.19 -30.84 -8.01
C THR A 208 31.03 -30.91 -6.74
N TYR A 209 30.36 -30.90 -5.60
CA TYR A 209 31.03 -30.97 -4.31
C TYR A 209 31.03 -32.39 -3.75
N ASN A 210 32.23 -32.89 -3.48
CA ASN A 210 32.43 -34.27 -3.00
C ASN A 210 31.57 -35.31 -3.69
N LYS A 211 31.41 -35.14 -5.01
CA LYS A 211 30.80 -36.14 -5.87
C LYS A 211 29.30 -36.36 -5.62
N HIS A 212 28.73 -35.60 -4.68
CA HIS A 212 27.33 -35.81 -4.29
C HIS A 212 26.42 -34.59 -4.48
N THR A 213 26.98 -33.38 -4.43
CA THR A 213 26.16 -32.17 -4.44
C THR A 213 26.50 -31.23 -5.59
N LYS A 214 25.49 -30.86 -6.38
CA LYS A 214 25.68 -29.89 -7.45
C LYS A 214 25.64 -28.45 -6.92
N VAL A 215 26.68 -27.68 -7.25
CA VAL A 215 26.80 -26.31 -6.78
C VAL A 215 27.22 -25.37 -7.90
N ALA A 216 27.18 -24.08 -7.61
CA ALA A 216 27.73 -23.06 -8.48
C ALA A 216 28.97 -22.49 -7.81
N VAL A 217 29.99 -22.18 -8.60
CA VAL A 217 31.25 -21.71 -8.03
C VAL A 217 31.75 -20.43 -8.72
N LYS A 218 31.83 -19.36 -7.95
CA LYS A 218 32.41 -18.13 -8.47
C LYS A 218 33.90 -18.11 -8.17
N THR A 219 34.69 -18.16 -9.24
CA THR A 219 36.14 -18.11 -9.13
C THR A 219 36.61 -16.68 -9.33
N MET A 220 37.30 -16.13 -8.34
CA MET A 220 37.69 -14.73 -8.37
C MET A 220 39.05 -14.47 -8.98
N LYS A 221 39.15 -13.39 -9.75
CA LYS A 221 40.45 -12.87 -10.16
C LYS A 221 40.94 -11.91 -9.08
N PRO A 222 42.22 -12.06 -8.68
CA PRO A 222 42.77 -11.23 -7.60
C PRO A 222 43.05 -9.80 -8.03
N GLY A 223 42.70 -8.85 -7.18
CA GLY A 223 42.98 -7.45 -7.44
C GLY A 223 43.24 -6.73 -6.12
N SER A 224 42.65 -5.54 -5.97
CA SER A 224 42.72 -4.83 -4.70
C SER A 224 41.81 -5.52 -3.69
N MET A 225 41.03 -6.48 -4.18
CA MET A 225 40.22 -7.33 -3.32
C MET A 225 41.15 -8.15 -2.42
N SER A 226 41.61 -7.53 -1.34
CA SER A 226 42.50 -8.18 -0.40
C SER A 226 41.88 -9.46 0.15
N VAL A 227 42.68 -10.52 0.21
CA VAL A 227 42.21 -11.85 0.60
C VAL A 227 41.41 -11.84 1.90
N GLU A 228 42.11 -11.69 3.02
CA GLU A 228 41.48 -11.73 4.33
C GLU A 228 40.42 -10.64 4.54
N ALA A 229 40.29 -9.75 3.56
CA ALA A 229 39.28 -8.71 3.58
C ALA A 229 38.09 -9.08 2.70
N PHE A 230 38.36 -9.82 1.63
CA PHE A 230 37.30 -10.33 0.77
C PHE A 230 36.48 -11.34 1.55
N LEU A 231 37.19 -12.15 2.33
CA LEU A 231 36.58 -13.24 3.09
C LEU A 231 35.81 -12.69 4.29
N ALA A 232 36.19 -11.51 4.75
CA ALA A 232 35.48 -10.85 5.84
C ALA A 232 34.06 -10.53 5.40
N GLU A 233 33.93 -10.02 4.17
CA GLU A 233 32.63 -9.61 3.64
C GLU A 233 31.75 -10.81 3.29
N ALA A 234 32.38 -11.87 2.78
CA ALA A 234 31.64 -13.09 2.46
C ALA A 234 31.03 -13.66 3.73
N ASN A 235 31.75 -13.51 4.84
CA ASN A 235 31.27 -13.95 6.14
C ASN A 235 30.07 -13.12 6.59
N VAL A 236 30.03 -11.86 6.14
CA VAL A 236 28.89 -10.99 6.43
C VAL A 236 27.66 -11.47 5.66
N MET A 237 27.83 -11.71 4.37
CA MET A 237 26.76 -12.18 3.50
C MET A 237 26.17 -13.50 3.99
N LYS A 238 27.00 -14.31 4.63
CA LYS A 238 26.58 -15.61 5.13
C LYS A 238 25.64 -15.46 6.34
N THR A 239 25.68 -14.30 6.99
CA THR A 239 24.77 -14.03 8.08
C THR A 239 23.43 -13.50 7.56
N LEU A 240 23.44 -13.01 6.32
CA LEU A 240 22.27 -12.36 5.74
C LEU A 240 21.49 -13.28 4.81
N GLN A 241 21.34 -14.54 5.21
CA GLN A 241 20.56 -15.50 4.43
C GLN A 241 19.09 -15.13 4.43
N HIS A 242 18.43 -15.38 3.30
CA HIS A 242 17.01 -15.15 3.16
C HIS A 242 16.56 -15.99 1.98
N ASP A 243 15.29 -16.41 1.98
CA ASP A 243 14.80 -17.31 0.94
C ASP A 243 14.91 -16.73 -0.47
N LYS A 244 15.00 -15.40 -0.55
CA LYS A 244 15.06 -14.74 -1.85
C LYS A 244 16.47 -14.23 -2.20
N LEU A 245 17.46 -14.65 -1.42
CA LEU A 245 18.85 -14.39 -1.76
C LEU A 245 19.54 -15.73 -1.97
N VAL A 246 20.46 -15.77 -2.94
CA VAL A 246 21.18 -17.00 -3.25
C VAL A 246 21.99 -17.49 -2.06
N LYS A 247 21.82 -18.76 -1.72
CA LYS A 247 22.52 -19.39 -0.61
C LYS A 247 24.04 -19.36 -0.79
N LEU A 248 24.74 -18.79 0.18
CA LEU A 248 26.18 -18.94 0.30
C LEU A 248 26.46 -20.26 1.03
N HIS A 249 27.05 -21.21 0.33
CA HIS A 249 27.34 -22.51 0.92
C HIS A 249 28.72 -22.56 1.57
N ALA A 250 29.76 -22.30 0.78
CA ALA A 250 31.12 -22.46 1.26
C ALA A 250 32.09 -21.49 0.63
N VAL A 251 33.34 -21.54 1.10
CA VAL A 251 34.39 -20.66 0.61
C VAL A 251 35.71 -21.41 0.56
N VAL A 252 36.52 -21.12 -0.46
CA VAL A 252 37.88 -21.63 -0.53
C VAL A 252 38.83 -20.48 -0.24
N THR A 253 39.59 -20.60 0.84
CA THR A 253 40.36 -19.50 1.40
C THR A 253 41.59 -19.10 0.59
N LYS A 254 42.17 -20.06 -0.12
CA LYS A 254 43.42 -19.84 -0.85
C LYS A 254 43.19 -19.25 -2.24
N GLU A 255 43.95 -18.22 -2.58
CA GLU A 255 43.87 -17.63 -3.92
C GLU A 255 44.15 -18.65 -5.01
N PRO A 256 43.38 -18.62 -6.10
CA PRO A 256 42.26 -17.68 -6.31
C PRO A 256 41.00 -18.09 -5.55
N ILE A 257 40.33 -17.10 -4.97
CA ILE A 257 39.16 -17.34 -4.12
C ILE A 257 38.01 -17.99 -4.86
N TYR A 258 37.49 -19.07 -4.31
CA TYR A 258 36.29 -19.71 -4.83
C TYR A 258 35.09 -19.46 -3.93
N ILE A 259 33.98 -19.02 -4.52
CA ILE A 259 32.74 -18.85 -3.78
C ILE A 259 31.74 -19.91 -4.20
N ILE A 260 31.32 -20.73 -3.25
CA ILE A 260 30.39 -21.81 -3.55
C ILE A 260 28.96 -21.45 -3.14
N THR A 261 28.07 -21.33 -4.12
CA THR A 261 26.67 -21.05 -3.85
C THR A 261 25.79 -22.20 -4.33
N GLU A 262 24.51 -22.13 -4.02
CA GLU A 262 23.55 -23.10 -4.52
C GLU A 262 23.43 -22.95 -6.02
N PHE A 263 23.13 -24.04 -6.71
CA PHE A 263 22.96 -24.00 -8.15
C PHE A 263 21.55 -23.58 -8.52
N MET A 264 21.43 -22.60 -9.39
CA MET A 264 20.13 -22.13 -9.87
C MET A 264 19.92 -22.60 -11.30
N ALA A 265 19.11 -23.65 -11.44
CA ALA A 265 19.02 -24.42 -12.68
C ALA A 265 18.70 -23.63 -13.95
N LYS A 266 17.85 -22.60 -13.83
CA LYS A 266 17.44 -21.84 -15.01
C LYS A 266 18.26 -20.58 -15.24
N GLY A 267 19.38 -20.47 -14.54
CA GLY A 267 20.31 -19.37 -14.72
C GLY A 267 19.74 -17.99 -14.41
N SER A 268 20.18 -16.99 -15.18
CA SER A 268 19.78 -15.62 -14.95
C SER A 268 18.36 -15.36 -15.41
N LEU A 269 17.71 -14.38 -14.78
CA LEU A 269 16.37 -13.98 -15.17
C LEU A 269 16.42 -13.43 -16.59
N LEU A 270 17.49 -12.71 -16.88
CA LEU A 270 17.69 -12.13 -18.20
C LEU A 270 17.67 -13.20 -19.29
N ASP A 271 18.48 -14.23 -19.12
CA ASP A 271 18.54 -15.33 -20.07
C ASP A 271 17.24 -16.13 -20.08
N PHE A 272 16.65 -16.34 -18.92
CA PHE A 272 15.41 -17.11 -18.82
C PHE A 272 14.25 -16.41 -19.51
N LEU A 273 14.21 -15.08 -19.42
CA LEU A 273 13.15 -14.31 -20.06
C LEU A 273 13.30 -14.35 -21.58
N LYS A 274 14.54 -14.45 -22.04
CA LYS A 274 14.82 -14.51 -23.47
C LYS A 274 14.60 -15.92 -24.03
N SER A 275 14.51 -16.91 -23.14
CA SER A 275 14.36 -18.29 -23.57
C SER A 275 12.96 -18.55 -24.14
N ASP A 276 12.63 -19.82 -24.36
CA ASP A 276 11.32 -20.16 -24.90
C ASP A 276 10.33 -20.53 -23.81
N GLU A 277 10.84 -20.93 -22.66
CA GLU A 277 9.99 -21.17 -21.50
C GLU A 277 9.60 -19.82 -20.93
N GLY A 278 10.51 -18.86 -21.08
CA GLY A 278 10.27 -17.50 -20.63
C GLY A 278 9.19 -16.80 -21.43
N SER A 279 9.29 -16.87 -22.75
CA SER A 279 8.35 -16.19 -23.63
C SER A 279 6.93 -16.76 -23.55
N LYS A 280 6.74 -17.74 -22.67
CA LYS A 280 5.43 -18.33 -22.42
C LYS A 280 4.85 -17.84 -21.10
N GLN A 281 5.69 -17.23 -20.26
CA GLN A 281 5.27 -16.78 -18.93
C GLN A 281 4.28 -15.63 -19.04
N PRO A 282 3.05 -15.86 -18.56
CA PRO A 282 2.00 -14.83 -18.59
C PRO A 282 2.34 -13.67 -17.67
N LEU A 283 1.69 -12.53 -17.89
CA LEU A 283 1.91 -11.34 -17.07
C LEU A 283 1.78 -11.54 -15.56
N PRO A 284 0.75 -12.29 -15.10
CA PRO A 284 0.67 -12.56 -13.66
C PRO A 284 1.91 -13.27 -13.11
N LYS A 285 2.59 -14.04 -13.95
CA LYS A 285 3.82 -14.72 -13.54
C LYS A 285 4.98 -13.74 -13.48
N LEU A 286 5.07 -12.86 -14.48
CA LEU A 286 6.12 -11.85 -14.54
C LEU A 286 6.05 -10.93 -13.34
N ILE A 287 4.83 -10.56 -12.96
CA ILE A 287 4.60 -9.73 -11.79
C ILE A 287 4.99 -10.50 -10.53
N ASP A 288 4.71 -11.80 -10.52
CA ASP A 288 5.08 -12.65 -9.40
C ASP A 288 6.59 -12.67 -9.22
N PHE A 289 7.32 -12.76 -10.32
CA PHE A 289 8.77 -12.66 -10.30
C PHE A 289 9.20 -11.36 -9.64
N SER A 290 8.60 -10.27 -10.08
CA SER A 290 8.89 -8.93 -9.54
C SER A 290 8.63 -8.88 -8.05
N ALA A 291 7.56 -9.53 -7.61
CA ALA A 291 7.18 -9.55 -6.21
C ALA A 291 8.22 -10.28 -5.37
N GLN A 292 8.73 -11.39 -5.91
CA GLN A 292 9.77 -12.16 -5.22
C GLN A 292 11.03 -11.32 -5.05
N ILE A 293 11.43 -10.65 -6.11
CA ILE A 293 12.63 -9.81 -6.10
C ILE A 293 12.49 -8.66 -5.10
N ALA A 294 11.30 -8.04 -5.07
CA ALA A 294 11.03 -6.94 -4.15
C ALA A 294 11.03 -7.43 -2.72
N GLU A 295 10.66 -8.69 -2.51
CA GLU A 295 10.70 -9.26 -1.17
C GLU A 295 12.15 -9.37 -0.71
N GLY A 296 13.02 -9.76 -1.63
CA GLY A 296 14.45 -9.85 -1.36
C GLY A 296 15.03 -8.47 -1.05
N MET A 297 14.66 -7.48 -1.85
CA MET A 297 15.12 -6.11 -1.62
C MET A 297 14.55 -5.55 -0.32
N ALA A 298 13.35 -5.97 0.04
CA ALA A 298 12.71 -5.53 1.28
C ALA A 298 13.48 -6.05 2.49
N PHE A 299 13.97 -7.28 2.39
CA PHE A 299 14.84 -7.83 3.43
C PHE A 299 16.09 -6.99 3.57
N ILE A 300 16.72 -6.68 2.44
CA ILE A 300 17.91 -5.86 2.39
C ILE A 300 17.62 -4.47 2.95
N GLU A 301 16.47 -3.93 2.58
CA GLU A 301 16.03 -2.62 3.05
C GLU A 301 15.90 -2.60 4.57
N GLN A 302 15.35 -3.67 5.12
CA GLN A 302 15.16 -3.80 6.57
C GLN A 302 16.49 -3.90 7.30
N ARG A 303 17.44 -4.62 6.71
CA ARG A 303 18.75 -4.82 7.32
C ARG A 303 19.68 -3.63 7.07
N ASN A 304 19.17 -2.62 6.35
CA ASN A 304 19.91 -1.39 6.06
C ASN A 304 21.10 -1.53 5.12
N TYR A 305 21.05 -2.50 4.21
CA TYR A 305 22.10 -2.66 3.21
C TYR A 305 21.69 -2.10 1.86
N ILE A 306 22.56 -2.30 0.87
CA ILE A 306 22.36 -1.80 -0.49
C ILE A 306 22.88 -2.85 -1.47
N HIS A 307 22.18 -3.04 -2.59
CA HIS A 307 22.63 -3.99 -3.60
C HIS A 307 23.55 -3.33 -4.63
N ARG A 308 23.14 -2.14 -5.09
CA ARG A 308 23.96 -1.28 -5.95
C ARG A 308 24.05 -1.72 -7.42
N ASP A 309 23.64 -2.94 -7.71
CA ASP A 309 23.67 -3.43 -9.10
C ASP A 309 22.43 -4.24 -9.44
N LEU A 310 21.27 -3.72 -9.08
CA LEU A 310 20.00 -4.41 -9.33
C LEU A 310 19.64 -4.38 -10.81
N ARG A 311 19.48 -5.57 -11.38
CA ARG A 311 19.04 -5.75 -12.76
C ARG A 311 18.80 -7.22 -13.03
N ALA A 312 18.16 -7.54 -14.16
CA ALA A 312 17.75 -8.90 -14.48
C ALA A 312 18.90 -9.90 -14.56
N ALA A 313 20.09 -9.41 -14.93
CA ALA A 313 21.27 -10.27 -15.06
C ALA A 313 21.74 -10.76 -13.70
N ASN A 314 21.42 -10.01 -12.65
CA ASN A 314 21.83 -10.36 -11.29
C ASN A 314 20.71 -10.99 -10.46
N ILE A 315 19.70 -11.51 -11.16
CA ILE A 315 18.66 -12.29 -10.52
C ILE A 315 18.76 -13.71 -11.06
N LEU A 316 18.63 -14.69 -10.18
CA LEU A 316 18.71 -16.07 -10.63
C LEU A 316 17.36 -16.76 -10.53
N VAL A 317 17.07 -17.62 -11.49
CA VAL A 317 15.84 -18.39 -11.51
C VAL A 317 16.12 -19.85 -11.19
N SER A 318 15.45 -20.38 -10.19
CA SER A 318 15.61 -21.78 -9.84
C SER A 318 14.81 -22.64 -10.81
N ALA A 319 14.94 -23.96 -10.68
CA ALA A 319 14.23 -24.89 -11.55
C ALA A 319 12.73 -24.79 -11.34
N SER A 320 12.32 -24.42 -10.14
CA SER A 320 10.91 -24.31 -9.80
C SER A 320 10.38 -22.88 -10.01
N LEU A 321 11.06 -22.14 -10.87
CA LEU A 321 10.68 -20.77 -11.22
C LEU A 321 10.67 -19.82 -10.02
N VAL A 322 11.56 -20.07 -9.06
CA VAL A 322 11.73 -19.16 -7.93
C VAL A 322 12.86 -18.17 -8.22
N CYS A 323 12.57 -16.87 -8.05
CA CYS A 323 13.55 -15.84 -8.35
C CYS A 323 14.30 -15.41 -7.09
N LYS A 324 15.63 -15.46 -7.16
CA LYS A 324 16.45 -15.02 -6.05
C LYS A 324 17.45 -13.96 -6.50
N ILE A 325 17.69 -13.00 -5.62
CA ILE A 325 18.70 -11.99 -5.87
C ILE A 325 20.09 -12.62 -5.77
N ALA A 326 20.78 -12.69 -6.90
CA ALA A 326 22.19 -13.10 -6.92
C ALA A 326 23.05 -12.02 -6.30
N ASP A 327 23.71 -12.41 -5.21
CA ASP A 327 24.36 -11.48 -4.25
C ASP A 327 25.30 -10.48 -4.96
N PHE A 328 25.28 -9.14 -4.77
CA PHE A 328 24.84 -8.28 -3.64
C PHE A 328 25.97 -7.84 -2.70
N GLY A 329 26.75 -8.82 -2.25
CA GLY A 329 27.97 -8.52 -1.55
C GLY A 329 29.12 -8.07 -2.45
N LEU A 330 28.94 -8.16 -3.76
CA LEU A 330 29.98 -7.81 -4.73
C LEU A 330 30.31 -6.31 -4.75
N ALA A 331 29.45 -5.51 -4.12
CA ALA A 331 29.68 -4.07 -4.01
C ALA A 331 30.47 -3.75 -2.75
N ARG A 332 30.64 -4.76 -1.90
CA ARG A 332 31.47 -4.62 -0.71
C ARG A 332 32.86 -5.18 -0.99
N VAL A 333 33.18 -5.32 -2.27
CA VAL A 333 34.45 -5.89 -2.68
C VAL A 333 34.93 -5.30 -4.01
N ILE A 334 34.08 -4.49 -4.64
CA ILE A 334 34.42 -3.86 -5.91
C ILE A 334 33.70 -2.53 -6.09
N PRO A 348 27.04 0.34 -15.55
CA PRO A 348 25.78 0.14 -16.28
C PRO A 348 24.75 1.19 -15.90
N ILE A 349 24.98 2.43 -16.34
CA ILE A 349 24.17 3.57 -15.90
C ILE A 349 22.70 3.51 -16.29
N LYS A 350 22.35 2.65 -17.25
CA LYS A 350 20.96 2.52 -17.68
C LYS A 350 20.05 1.96 -16.57
N TRP A 351 20.67 1.45 -15.51
CA TRP A 351 19.95 0.94 -14.37
C TRP A 351 20.20 1.83 -13.14
N THR A 352 20.90 2.93 -13.34
CA THR A 352 21.34 3.75 -12.21
C THR A 352 20.61 5.09 -12.10
N ALA A 353 20.27 5.46 -10.87
CA ALA A 353 19.65 6.75 -10.58
C ALA A 353 20.66 7.88 -10.73
N PRO A 354 20.21 9.04 -11.20
CA PRO A 354 21.06 10.20 -11.46
C PRO A 354 21.88 10.63 -10.24
N GLU A 355 21.30 10.51 -9.06
CA GLU A 355 21.97 10.90 -7.81
C GLU A 355 23.24 10.08 -7.58
N ALA A 356 23.19 8.80 -7.91
CA ALA A 356 24.33 7.91 -7.73
C ALA A 356 25.30 8.02 -8.90
N ILE A 357 24.80 8.45 -10.05
CA ILE A 357 25.64 8.65 -11.22
C ILE A 357 26.48 9.91 -11.07
N ASN A 358 25.87 10.98 -10.59
CA ASN A 358 26.53 12.29 -10.52
C ASN A 358 27.43 12.46 -9.29
N PHE A 359 26.93 12.04 -8.12
CA PHE A 359 27.62 12.29 -6.86
C PHE A 359 28.00 11.01 -6.14
N GLY A 360 27.72 9.88 -6.77
CA GLY A 360 28.05 8.58 -6.21
C GLY A 360 27.29 8.27 -4.94
N SER A 361 26.07 8.80 -4.84
CA SER A 361 25.25 8.59 -3.65
C SER A 361 24.30 7.40 -3.82
N PHE A 362 24.86 6.20 -3.83
CA PHE A 362 24.08 4.98 -3.90
C PHE A 362 23.39 4.71 -2.57
N THR A 363 22.06 4.61 -2.59
CA THR A 363 21.30 4.25 -1.41
C THR A 363 20.24 3.22 -1.76
N ILE A 364 19.42 2.86 -0.78
CA ILE A 364 18.32 1.92 -1.01
C ILE A 364 17.31 2.54 -1.98
N LYS A 365 17.32 3.87 -2.07
CA LYS A 365 16.44 4.59 -2.98
C LYS A 365 16.93 4.52 -4.43
N SER A 366 18.24 4.39 -4.61
CA SER A 366 18.81 4.27 -5.94
C SER A 366 18.58 2.86 -6.49
N ASP A 367 18.45 1.89 -5.58
CA ASP A 367 18.09 0.53 -5.97
C ASP A 367 16.66 0.50 -6.47
N VAL A 368 15.80 1.28 -5.81
CA VAL A 368 14.39 1.40 -6.18
C VAL A 368 14.27 1.83 -7.64
N TRP A 369 15.08 2.81 -8.02
CA TRP A 369 15.16 3.25 -9.40
C TRP A 369 15.55 2.07 -10.29
N SER A 370 16.59 1.36 -9.87
CA SER A 370 17.08 0.19 -10.59
C SER A 370 15.99 -0.86 -10.69
N PHE A 371 15.27 -1.05 -9.58
CA PHE A 371 14.18 -2.01 -9.55
C PHE A 371 13.09 -1.64 -10.57
N GLY A 372 12.84 -0.34 -10.69
CA GLY A 372 11.92 0.15 -11.69
C GLY A 372 12.36 -0.20 -13.09
N ILE A 373 13.66 -0.07 -13.33
CA ILE A 373 14.25 -0.44 -14.62
C ILE A 373 14.20 -1.96 -14.79
N LEU A 374 14.43 -2.68 -13.69
CA LEU A 374 14.35 -4.13 -13.68
C LEU A 374 12.93 -4.57 -14.04
N LEU A 375 11.96 -3.87 -13.46
CA LEU A 375 10.56 -4.14 -13.71
C LEU A 375 10.24 -4.05 -15.20
N MET A 376 10.81 -3.03 -15.86
CA MET A 376 10.61 -2.85 -17.29
C MET A 376 11.23 -4.00 -18.09
N GLU A 377 12.44 -4.41 -17.69
CA GLU A 377 13.11 -5.56 -18.30
C GLU A 377 12.21 -6.77 -18.31
N ILE A 378 11.64 -7.07 -17.15
CA ILE A 378 10.79 -8.22 -16.95
C ILE A 378 9.56 -8.19 -17.87
N VAL A 379 8.85 -7.06 -17.86
CA VAL A 379 7.66 -6.89 -18.66
C VAL A 379 8.00 -6.95 -20.15
N THR A 380 9.20 -6.50 -20.51
CA THR A 380 9.65 -6.52 -21.90
C THR A 380 10.44 -7.78 -22.24
N TYR A 381 10.31 -8.80 -21.40
CA TYR A 381 10.97 -10.10 -21.61
C TYR A 381 12.47 -10.01 -21.85
N GLY A 382 13.13 -9.07 -21.17
CA GLY A 382 14.58 -8.97 -21.23
C GLY A 382 15.11 -7.99 -22.24
N ARG A 383 14.21 -7.28 -22.93
CA ARG A 383 14.62 -6.23 -23.84
C ARG A 383 15.45 -5.22 -23.07
N ILE A 384 16.53 -4.75 -23.69
CA ILE A 384 17.43 -3.80 -23.04
C ILE A 384 16.73 -2.45 -22.86
N PRO A 385 16.91 -1.83 -21.68
CA PRO A 385 16.30 -0.54 -21.33
C PRO A 385 16.75 0.59 -22.26
N TYR A 386 15.87 1.57 -22.45
CA TYR A 386 16.11 2.69 -23.37
C TYR A 386 16.68 2.23 -24.70
N PRO A 387 15.95 1.35 -25.41
CA PRO A 387 16.53 0.72 -26.61
C PRO A 387 16.77 1.72 -27.74
N GLY A 388 18.03 1.88 -28.14
CA GLY A 388 18.40 2.75 -29.23
C GLY A 388 19.15 3.98 -28.75
N MET A 389 19.36 4.07 -27.45
CA MET A 389 20.00 5.25 -26.87
C MET A 389 21.34 4.91 -26.22
N SER A 390 22.36 5.71 -26.52
CA SER A 390 23.64 5.56 -25.87
C SER A 390 23.54 6.06 -24.44
N ASN A 391 24.60 5.86 -23.67
CA ASN A 391 24.64 6.31 -22.29
C ASN A 391 24.45 7.83 -22.11
N PRO A 392 25.21 8.66 -22.84
CA PRO A 392 25.02 10.11 -22.66
C PRO A 392 23.66 10.55 -23.18
N GLU A 393 23.19 9.93 -24.27
CA GLU A 393 21.84 10.15 -24.76
C GLU A 393 20.85 9.98 -23.62
N VAL A 394 21.01 8.86 -22.91
CA VAL A 394 20.14 8.52 -21.79
C VAL A 394 20.20 9.53 -20.65
N ILE A 395 21.40 9.91 -20.25
CA ILE A 395 21.59 10.81 -19.11
C ILE A 395 20.93 12.17 -19.33
N ARG A 396 21.26 12.82 -20.43
CA ARG A 396 20.73 14.15 -20.73
C ARG A 396 19.23 14.09 -20.92
N ALA A 397 18.74 12.97 -21.45
CA ALA A 397 17.30 12.76 -21.59
C ALA A 397 16.64 12.69 -20.23
N LEU A 398 17.32 12.05 -19.28
CA LEU A 398 16.82 11.96 -17.91
C LEU A 398 16.70 13.32 -17.25
N GLU A 399 17.71 14.16 -17.46
CA GLU A 399 17.72 15.50 -16.88
C GLU A 399 16.63 16.37 -17.51
N ARG A 400 16.30 16.08 -18.77
CA ARG A 400 15.20 16.75 -19.44
C ARG A 400 13.88 16.38 -18.78
N GLY A 401 13.81 15.14 -18.30
CA GLY A 401 12.63 14.63 -17.63
C GLY A 401 12.03 13.44 -18.33
N TYR A 402 12.80 12.88 -19.27
CA TYR A 402 12.34 11.73 -20.05
C TYR A 402 12.27 10.46 -19.20
N ARG A 403 11.30 9.62 -19.52
CA ARG A 403 11.20 8.28 -18.95
C ARG A 403 10.78 7.34 -20.07
N MET A 404 11.12 6.06 -19.94
CA MET A 404 10.72 5.07 -20.92
C MET A 404 9.20 5.01 -21.01
N PRO A 405 8.67 4.83 -22.23
CA PRO A 405 7.21 4.74 -22.40
C PRO A 405 6.65 3.41 -21.90
N ARG A 406 5.37 3.17 -22.19
CA ARG A 406 4.71 1.98 -21.69
C ARG A 406 4.44 0.96 -22.79
N PRO A 407 4.97 -0.25 -22.63
CA PRO A 407 4.81 -1.35 -23.58
C PRO A 407 3.34 -1.72 -23.78
N GLU A 408 3.00 -2.21 -24.96
CA GLU A 408 1.61 -2.54 -25.28
C GLU A 408 1.18 -3.87 -24.67
N ASN A 409 1.56 -4.08 -23.41
CA ASN A 409 1.18 -5.27 -22.67
C ASN A 409 1.36 -5.02 -21.17
N CYS A 410 1.97 -3.88 -20.86
CA CYS A 410 2.16 -3.47 -19.47
C CYS A 410 0.95 -2.68 -19.00
N PRO A 411 0.38 -3.09 -17.86
CA PRO A 411 -0.80 -2.42 -17.29
C PRO A 411 -0.45 -1.02 -16.83
N GLU A 412 -1.43 -0.11 -16.87
CA GLU A 412 -1.23 1.26 -16.41
C GLU A 412 -0.75 1.29 -14.97
N GLU A 413 -1.36 0.45 -14.14
CA GLU A 413 -1.08 0.46 -12.72
C GLU A 413 0.31 -0.09 -12.41
N LEU A 414 0.80 -0.98 -13.26
CA LEU A 414 2.16 -1.49 -13.11
C LEU A 414 3.17 -0.45 -13.60
N TYR A 415 2.83 0.22 -14.70
CA TYR A 415 3.68 1.29 -15.23
C TYR A 415 3.80 2.42 -14.23
N ASN A 416 2.70 2.72 -13.55
CA ASN A 416 2.68 3.77 -12.53
C ASN A 416 3.64 3.47 -11.38
N ILE A 417 3.85 2.18 -11.12
CA ILE A 417 4.80 1.76 -10.09
C ILE A 417 6.23 2.06 -10.52
N MET A 418 6.55 1.76 -11.79
CA MET A 418 7.86 2.08 -12.34
C MET A 418 8.16 3.56 -12.21
N MET A 419 7.18 4.37 -12.60
CA MET A 419 7.32 5.83 -12.55
C MET A 419 7.64 6.31 -11.13
N ARG A 420 6.93 5.76 -10.15
CA ARG A 420 7.16 6.13 -8.76
C ARG A 420 8.57 5.78 -8.31
N CYS A 421 9.12 4.71 -8.88
CA CYS A 421 10.50 4.34 -8.63
C CYS A 421 11.44 5.34 -9.29
N TRP A 422 10.99 5.91 -10.39
CA TRP A 422 11.81 6.83 -11.17
C TRP A 422 11.57 8.29 -10.80
N LYS A 423 11.14 8.53 -9.57
CA LYS A 423 11.01 9.88 -9.06
C LYS A 423 12.40 10.51 -8.99
N ASN A 424 12.51 11.76 -9.42
CA ASN A 424 13.80 12.43 -9.48
C ASN A 424 14.41 12.60 -8.09
N ARG A 425 13.57 12.96 -7.13
CA ARG A 425 14.00 13.06 -5.74
C ARG A 425 13.83 11.72 -5.03
N PRO A 426 14.94 11.12 -4.59
CA PRO A 426 15.03 9.78 -3.99
C PRO A 426 14.00 9.53 -2.88
N GLU A 427 13.79 10.53 -2.03
CA GLU A 427 12.93 10.36 -0.86
C GLU A 427 11.45 10.20 -1.20
N GLU A 428 11.10 10.41 -2.46
CA GLU A 428 9.71 10.28 -2.90
C GLU A 428 9.42 8.94 -3.55
N ARG A 429 10.46 8.16 -3.81
CA ARG A 429 10.31 6.81 -4.30
C ARG A 429 9.81 5.92 -3.16
N PRO A 430 8.97 4.92 -3.48
CA PRO A 430 8.39 4.09 -2.42
C PRO A 430 9.43 3.19 -1.79
N THR A 431 9.11 2.62 -0.63
CA THR A 431 9.97 1.62 -0.02
C THR A 431 9.77 0.29 -0.75
N PHE A 432 10.72 -0.63 -0.58
CA PHE A 432 10.54 -1.96 -1.14
C PHE A 432 9.45 -2.69 -0.39
N GLU A 433 9.31 -2.37 0.89
CA GLU A 433 8.26 -2.92 1.73
C GLU A 433 6.89 -2.65 1.13
N TYR A 434 6.69 -1.42 0.66
CA TYR A 434 5.45 -1.04 0.01
C TYR A 434 5.33 -1.68 -1.37
N ILE A 435 6.41 -1.59 -2.15
CA ILE A 435 6.45 -2.19 -3.48
C ILE A 435 6.10 -3.68 -3.44
N GLN A 436 6.67 -4.40 -2.47
CA GLN A 436 6.40 -5.82 -2.33
C GLN A 436 4.92 -6.08 -2.04
N SER A 437 4.36 -5.32 -1.11
CA SER A 437 2.96 -5.49 -0.73
C SER A 437 2.00 -5.24 -1.90
N VAL A 438 2.34 -4.28 -2.75
CA VAL A 438 1.51 -3.96 -3.90
C VAL A 438 1.59 -5.05 -4.98
N LEU A 439 2.80 -5.49 -5.28
CA LEU A 439 3.01 -6.52 -6.30
C LEU A 439 2.44 -7.86 -5.84
N ASP A 440 2.53 -8.12 -4.54
CA ASP A 440 2.00 -9.35 -3.95
C ASP A 440 0.49 -9.49 -4.14
N ASP A 441 -0.22 -8.39 -4.01
CA ASP A 441 -1.69 -8.43 -4.07
C ASP A 441 -2.23 -7.63 -5.25
N PHE A 442 -1.43 -7.54 -6.29
CA PHE A 442 -1.75 -6.76 -7.49
C PHE A 442 -3.16 -7.00 -8.03
N TYR A 443 -3.59 -8.27 -8.03
CA TYR A 443 -4.88 -8.65 -8.59
C TYR A 443 -5.93 -8.85 -7.51
N THR A 444 -5.57 -8.54 -6.27
CA THR A 444 -6.47 -8.79 -5.15
C THR A 444 -6.78 -7.53 -4.34
N ALA A 445 -8.06 -7.15 -4.33
CA ALA A 445 -8.52 -6.07 -3.48
C ALA A 445 -8.24 -6.45 -2.04
N THR A 446 -7.93 -5.46 -1.21
CA THR A 446 -7.61 -5.72 0.19
C THR A 446 -8.74 -6.47 0.88
N GLU A 447 -9.97 -6.06 0.60
CA GLU A 447 -11.16 -6.66 1.20
C GLU A 447 -11.33 -8.13 0.78
N SER A 448 -10.58 -8.55 -0.23
CA SER A 448 -10.75 -9.90 -0.78
C SER A 448 -9.62 -10.87 -0.44
N GLN A 449 -8.72 -10.45 0.44
CA GLN A 449 -7.62 -11.32 0.87
C GLN A 449 -8.16 -12.61 1.49
N GLU A 451 -11.60 -14.71 2.59
CA GLU A 451 -13.03 -14.81 2.35
C GLU A 451 -13.71 -14.68 3.72
N GLU A 452 -14.97 -14.28 3.71
CA GLU A 452 -15.72 -14.20 4.95
C GLU A 452 -17.06 -14.89 4.88
N ILE A 453 -17.27 -15.82 5.82
CA ILE A 453 -18.39 -16.74 5.75
C ILE A 453 -19.46 -16.40 6.79
N PRO A 454 -20.73 -16.68 6.47
CA PRO A 454 -21.89 -16.54 7.35
C PRO A 454 -21.63 -17.04 8.77
N ARG B 8 -5.87 42.42 -20.16
CA ARG B 8 -7.27 42.31 -20.53
C ARG B 8 -7.77 40.89 -20.31
N ILE B 9 -8.01 40.55 -19.04
CA ILE B 9 -8.45 39.22 -18.68
C ILE B 9 -9.96 39.14 -18.56
N ILE B 10 -10.57 38.26 -19.35
CA ILE B 10 -12.00 37.99 -19.20
C ILE B 10 -12.20 36.65 -18.51
N VAL B 11 -13.10 36.62 -17.54
CA VAL B 11 -13.48 35.38 -16.89
C VAL B 11 -14.98 35.18 -17.08
N VAL B 12 -15.49 34.05 -16.59
CA VAL B 12 -16.90 33.75 -16.76
C VAL B 12 -17.47 32.99 -15.55
N ALA B 13 -18.70 33.33 -15.19
CA ALA B 13 -19.36 32.72 -14.04
C ALA B 13 -19.69 31.26 -14.32
N LEU B 14 -19.30 30.40 -13.38
CA LEU B 14 -19.58 28.97 -13.48
C LEU B 14 -20.89 28.68 -12.75
N TYR B 15 -21.23 29.53 -11.79
CA TYR B 15 -22.46 29.37 -11.02
C TYR B 15 -23.09 30.74 -10.73
N ASP B 16 -24.33 30.72 -10.26
CA ASP B 16 -24.99 31.93 -9.79
C ASP B 16 -24.37 32.36 -8.47
N TYR B 17 -24.45 33.64 -8.16
CA TYR B 17 -23.94 34.16 -6.89
C TYR B 17 -24.67 35.42 -6.46
N GLU B 18 -25.10 35.45 -5.21
CA GLU B 18 -25.79 36.61 -4.65
C GLU B 18 -24.87 37.38 -3.73
N ALA B 19 -24.70 38.67 -4.02
CA ALA B 19 -23.90 39.55 -3.17
C ALA B 19 -24.51 39.63 -1.78
N ILE B 20 -23.69 39.39 -0.76
CA ILE B 20 -24.16 39.43 0.62
C ILE B 20 -23.31 40.36 1.47
N HIS B 21 -22.35 41.02 0.84
CA HIS B 21 -21.55 42.03 1.52
C HIS B 21 -21.83 43.39 0.89
N HIS B 22 -20.92 44.34 1.11
CA HIS B 22 -21.14 45.70 0.60
C HIS B 22 -20.58 45.91 -0.82
N GLU B 23 -19.34 45.48 -1.05
CA GLU B 23 -18.67 45.79 -2.30
C GLU B 23 -18.56 44.61 -3.25
N ASP B 24 -19.35 43.56 -3.02
CA ASP B 24 -19.30 42.40 -3.90
C ASP B 24 -20.43 42.41 -4.93
N LEU B 25 -20.17 41.76 -6.06
CA LEU B 25 -21.10 41.76 -7.19
C LEU B 25 -22.05 40.57 -7.15
N SER B 26 -23.16 40.71 -7.87
CA SER B 26 -24.06 39.59 -8.11
C SER B 26 -23.97 39.21 -9.59
N PHE B 27 -24.14 37.93 -9.88
CA PHE B 27 -24.10 37.48 -11.27
C PHE B 27 -24.76 36.12 -11.46
N GLN B 28 -25.42 35.95 -12.60
CA GLN B 28 -25.96 34.65 -12.96
C GLN B 28 -24.93 33.84 -13.73
N LYS B 29 -25.17 32.54 -13.83
CA LYS B 29 -24.24 31.62 -14.50
C LYS B 29 -24.01 32.03 -15.96
N GLY B 30 -22.76 32.33 -16.29
CA GLY B 30 -22.41 32.60 -17.67
C GLY B 30 -22.01 34.04 -17.96
N ASP B 31 -22.35 34.95 -17.04
CA ASP B 31 -21.94 36.34 -17.19
C ASP B 31 -20.42 36.44 -17.22
N GLN B 32 -19.91 37.38 -18.00
CA GLN B 32 -18.47 37.59 -18.08
C GLN B 32 -18.09 38.90 -17.42
N MET B 33 -16.87 38.97 -16.91
CA MET B 33 -16.38 40.19 -16.29
C MET B 33 -14.89 40.38 -16.51
N VAL B 34 -14.40 41.59 -16.24
CA VAL B 34 -13.00 41.92 -16.46
C VAL B 34 -12.24 42.00 -15.13
N VAL B 35 -11.20 41.19 -15.01
CA VAL B 35 -10.40 41.17 -13.79
C VAL B 35 -9.62 42.45 -13.62
N LEU B 36 -9.68 43.03 -12.42
CA LEU B 36 -8.99 44.27 -12.13
C LEU B 36 -7.93 44.09 -11.05
N GLU B 37 -8.16 43.13 -10.15
CA GLU B 37 -7.22 42.87 -9.08
C GLU B 37 -7.32 41.42 -8.61
N GLU B 38 -6.23 40.90 -8.05
CA GLU B 38 -6.21 39.52 -7.60
C GLU B 38 -5.68 39.41 -6.17
N SER B 39 -6.59 39.30 -5.21
CA SER B 39 -6.23 39.25 -3.80
C SER B 39 -6.56 37.89 -3.18
N GLY B 40 -6.49 36.84 -3.97
CA GLY B 40 -6.74 35.49 -3.48
C GLY B 40 -8.14 34.98 -3.78
N GLU B 41 -8.89 34.71 -2.72
CA GLU B 41 -10.24 34.16 -2.86
C GLU B 41 -11.22 35.19 -3.42
N TRP B 42 -10.92 36.47 -3.21
CA TRP B 42 -11.76 37.53 -3.76
C TRP B 42 -11.01 38.31 -4.83
N TRP B 43 -11.67 38.50 -5.97
CA TRP B 43 -11.10 39.26 -7.07
C TRP B 43 -11.93 40.49 -7.38
N LYS B 44 -11.26 41.59 -7.72
CA LYS B 44 -11.96 42.80 -8.13
C LYS B 44 -12.23 42.69 -9.63
N ALA B 45 -13.51 42.71 -10.00
CA ALA B 45 -13.88 42.56 -11.39
C ALA B 45 -14.89 43.61 -11.83
N ARG B 46 -15.31 43.52 -13.08
CA ARG B 46 -16.30 44.43 -13.63
C ARG B 46 -17.21 43.68 -14.59
N SER B 47 -18.46 43.48 -14.18
CA SER B 47 -19.44 42.78 -15.00
C SER B 47 -19.59 43.46 -16.35
N LEU B 48 -19.75 42.66 -17.41
CA LEU B 48 -19.96 43.20 -18.74
C LEU B 48 -21.44 43.47 -18.96
N ALA B 49 -22.28 42.84 -18.15
CA ALA B 49 -23.72 42.99 -18.28
C ALA B 49 -24.23 44.21 -17.51
N THR B 50 -23.59 44.51 -16.39
CA THR B 50 -24.04 45.58 -15.51
C THR B 50 -23.07 46.76 -15.46
N ARG B 51 -21.82 46.50 -15.84
CA ARG B 51 -20.74 47.50 -15.83
C ARG B 51 -20.27 47.86 -14.42
N LYS B 52 -20.79 47.16 -13.42
CA LYS B 52 -20.46 47.47 -12.03
C LYS B 52 -19.14 46.86 -11.59
N GLU B 53 -18.30 47.67 -10.96
CA GLU B 53 -17.04 47.18 -10.41
C GLU B 53 -17.24 46.72 -8.97
N GLY B 54 -16.71 45.55 -8.65
CA GLY B 54 -16.85 44.98 -7.32
C GLY B 54 -16.03 43.72 -7.12
N TYR B 55 -16.23 43.07 -5.99
CA TYR B 55 -15.50 41.86 -5.66
C TYR B 55 -16.31 40.61 -5.97
N ILE B 56 -15.62 39.58 -6.45
CA ILE B 56 -16.24 38.29 -6.75
C ILE B 56 -15.43 37.16 -6.13
N PRO B 57 -16.10 36.06 -5.75
CA PRO B 57 -15.35 34.91 -5.24
C PRO B 57 -14.57 34.31 -6.39
N SER B 58 -13.24 34.30 -6.29
CA SER B 58 -12.39 33.87 -7.41
C SER B 58 -12.69 32.43 -7.82
N ASN B 59 -13.14 31.62 -6.87
CA ASN B 59 -13.45 30.22 -7.12
C ASN B 59 -14.83 30.01 -7.73
N TYR B 60 -15.40 31.09 -8.27
CA TYR B 60 -16.70 31.01 -8.95
C TYR B 60 -16.52 31.27 -10.43
N VAL B 61 -15.28 31.59 -10.82
CA VAL B 61 -14.97 31.88 -12.21
C VAL B 61 -13.63 31.29 -12.65
N ALA B 62 -13.48 31.15 -13.96
CA ALA B 62 -12.20 30.80 -14.55
C ALA B 62 -12.18 31.41 -15.95
N ARG B 63 -11.01 31.44 -16.58
CA ARG B 63 -10.86 32.09 -17.88
C ARG B 63 -11.82 31.54 -18.92
N VAL B 64 -12.26 32.41 -19.83
CA VAL B 64 -13.26 32.05 -20.83
C VAL B 64 -12.78 30.94 -21.78
N ASP B 65 -13.72 30.09 -22.15
CA ASP B 65 -13.48 28.96 -23.05
C ASP B 65 -12.30 28.08 -22.64
N SER B 66 -11.95 28.13 -21.35
CA SER B 66 -10.97 27.21 -20.80
C SER B 66 -11.75 25.97 -20.38
N LEU B 67 -11.04 24.89 -20.09
CA LEU B 67 -11.68 23.61 -19.78
C LEU B 67 -12.71 23.66 -18.66
N GLU B 68 -12.42 24.46 -17.64
CA GLU B 68 -13.29 24.54 -16.46
C GLU B 68 -14.68 25.10 -16.79
N THR B 69 -14.77 25.85 -17.89
CA THR B 69 -16.05 26.38 -18.32
C THR B 69 -16.96 25.25 -18.80
N GLU B 70 -16.35 24.17 -19.27
CA GLU B 70 -17.11 23.01 -19.71
C GLU B 70 -17.73 22.28 -18.53
N GLU B 71 -18.95 21.79 -18.72
CA GLU B 71 -19.74 21.20 -17.64
C GLU B 71 -19.24 19.84 -17.19
N TRP B 72 -18.51 19.14 -18.05
CA TRP B 72 -18.06 17.79 -17.75
C TRP B 72 -16.62 17.76 -17.24
N PHE B 73 -16.01 18.94 -17.10
CA PHE B 73 -14.64 19.01 -16.61
C PHE B 73 -14.55 19.40 -15.14
N PHE B 74 -13.63 18.77 -14.44
CA PHE B 74 -13.50 18.93 -12.99
C PHE B 74 -12.04 19.08 -12.59
N LYS B 75 -11.63 20.32 -12.33
CA LYS B 75 -10.24 20.62 -12.03
C LYS B 75 -9.76 20.01 -10.71
N GLY B 76 -8.66 19.25 -10.78
CA GLY B 76 -7.97 18.78 -9.59
C GLY B 76 -8.71 17.75 -8.75
N ILE B 77 -9.62 17.00 -9.38
CA ILE B 77 -10.35 15.96 -8.67
C ILE B 77 -9.59 14.63 -8.72
N SER B 78 -9.30 14.09 -7.54
CA SER B 78 -8.62 12.80 -7.45
C SER B 78 -9.48 11.71 -8.07
N ARG B 79 -8.86 10.55 -8.31
CA ARG B 79 -9.59 9.41 -8.81
C ARG B 79 -10.63 8.98 -7.78
N LYS B 80 -10.26 9.08 -6.51
CA LYS B 80 -11.12 8.67 -5.41
C LYS B 80 -12.26 9.66 -5.17
N ASP B 81 -11.96 10.95 -5.30
CA ASP B 81 -12.99 11.98 -5.16
C ASP B 81 -13.96 11.89 -6.33
N ALA B 82 -13.45 11.50 -7.49
CA ALA B 82 -14.27 11.31 -8.68
C ALA B 82 -15.22 10.14 -8.47
N GLU B 83 -14.76 9.16 -7.69
CA GLU B 83 -15.60 8.03 -7.32
C GLU B 83 -16.72 8.51 -6.41
N ARG B 84 -16.33 9.24 -5.37
CA ARG B 84 -17.27 9.73 -4.37
C ARG B 84 -18.38 10.61 -4.94
N GLN B 85 -18.04 11.46 -5.89
CA GLN B 85 -19.00 12.42 -6.43
C GLN B 85 -19.93 11.80 -7.48
N LEU B 86 -19.43 10.82 -8.21
CA LEU B 86 -20.24 10.15 -9.23
C LEU B 86 -21.27 9.21 -8.62
N LEU B 87 -21.01 8.72 -7.42
CA LEU B 87 -21.92 7.80 -6.75
C LEU B 87 -22.79 8.53 -5.73
N ALA B 88 -22.55 9.83 -5.58
CA ALA B 88 -23.37 10.68 -4.72
C ALA B 88 -24.78 10.78 -5.31
N PRO B 89 -25.78 11.13 -4.47
CA PRO B 89 -27.18 11.21 -4.94
C PRO B 89 -27.38 12.06 -6.18
N GLY B 90 -28.24 11.61 -7.08
CA GLY B 90 -28.62 12.39 -8.25
C GLY B 90 -27.88 12.02 -9.53
N ASN B 91 -27.14 10.91 -9.49
CA ASN B 91 -26.41 10.46 -10.65
C ASN B 91 -26.92 9.12 -11.17
N MET B 92 -26.66 8.85 -12.44
CA MET B 92 -27.17 7.65 -13.09
C MET B 92 -26.09 6.96 -13.91
N LEU B 93 -26.47 5.91 -14.64
CA LEU B 93 -25.55 5.26 -15.56
C LEU B 93 -25.06 6.28 -16.56
N GLY B 94 -23.79 6.18 -16.93
CA GLY B 94 -23.22 7.09 -17.91
C GLY B 94 -22.93 8.47 -17.35
N SER B 95 -23.24 8.68 -16.08
CA SER B 95 -22.81 9.90 -15.40
C SER B 95 -21.30 9.90 -15.42
N PHE B 96 -20.72 10.94 -15.99
CA PHE B 96 -19.30 10.93 -16.25
C PHE B 96 -18.65 12.27 -15.96
N MET B 97 -17.32 12.26 -15.94
CA MET B 97 -16.56 13.49 -15.84
C MET B 97 -15.18 13.32 -16.45
N ILE B 98 -14.69 14.37 -17.07
CA ILE B 98 -13.29 14.43 -17.48
C ILE B 98 -12.58 15.28 -16.45
N ARG B 99 -11.41 14.83 -16.01
CA ARG B 99 -10.72 15.49 -14.91
C ARG B 99 -9.22 15.41 -15.11
N ASP B 100 -8.48 16.04 -14.22
CA ASP B 100 -7.02 16.00 -14.26
C ASP B 100 -6.50 14.65 -13.80
N SER B 101 -5.65 14.03 -14.60
CA SER B 101 -5.07 12.75 -14.23
C SER B 101 -4.18 12.88 -13.01
N GLU B 102 -4.50 12.08 -11.99
CA GLU B 102 -3.73 12.09 -10.75
C GLU B 102 -2.32 11.57 -10.98
N THR B 103 -2.20 10.49 -11.73
CA THR B 103 -0.92 9.80 -11.91
C THR B 103 -0.17 10.18 -13.17
N THR B 104 -0.85 10.80 -14.12
CA THR B 104 -0.19 11.23 -15.36
C THR B 104 -0.31 12.74 -15.54
N LYS B 105 0.45 13.48 -14.73
CA LYS B 105 0.38 14.94 -14.70
C LYS B 105 0.44 15.58 -16.08
N GLY B 106 -0.47 16.52 -16.32
CA GLY B 106 -0.53 17.21 -17.60
C GLY B 106 -1.54 16.56 -18.53
N SER B 107 -2.03 15.38 -18.13
CA SER B 107 -2.99 14.64 -18.94
C SER B 107 -4.32 14.50 -18.22
N TYR B 108 -5.30 13.96 -18.91
CA TYR B 108 -6.65 13.87 -18.36
C TYR B 108 -7.17 12.43 -18.30
N SER B 109 -8.13 12.21 -17.41
CA SER B 109 -8.75 10.91 -17.26
C SER B 109 -10.27 11.04 -17.33
N LEU B 110 -10.93 9.96 -17.73
CA LEU B 110 -12.39 9.93 -17.81
C LEU B 110 -12.96 8.98 -16.78
N SER B 111 -13.93 9.45 -16.01
CA SER B 111 -14.58 8.61 -15.00
C SER B 111 -16.05 8.42 -15.36
N VAL B 112 -16.49 7.16 -15.41
CA VAL B 112 -17.84 6.84 -15.85
C VAL B 112 -18.59 6.00 -14.82
N ARG B 113 -19.85 6.36 -14.54
CA ARG B 113 -20.68 5.58 -13.63
C ARG B 113 -21.16 4.31 -14.32
N ASP B 114 -21.31 3.23 -13.56
CA ASP B 114 -21.62 1.93 -14.13
C ASP B 114 -22.18 0.98 -13.06
N TYR B 115 -22.96 -0.01 -13.50
CA TYR B 115 -23.50 -1.00 -12.58
C TYR B 115 -23.11 -2.43 -12.97
N ASP B 116 -22.90 -3.26 -11.96
CA ASP B 116 -22.55 -4.66 -12.16
C ASP B 116 -23.08 -5.45 -10.96
N PRO B 117 -23.83 -6.52 -11.22
CA PRO B 117 -24.57 -7.27 -10.19
C PRO B 117 -23.70 -7.79 -9.04
N ARG B 118 -22.43 -8.10 -9.32
CA ARG B 118 -21.55 -8.63 -8.28
C ARG B 118 -20.89 -7.52 -7.48
N GLN B 119 -20.89 -6.31 -8.03
CA GLN B 119 -20.26 -5.17 -7.37
C GLN B 119 -21.26 -4.09 -6.97
N GLY B 120 -22.41 -4.06 -7.65
CA GLY B 120 -23.37 -2.99 -7.47
C GLY B 120 -23.04 -1.86 -8.41
N ASP B 121 -23.30 -0.62 -8.00
CA ASP B 121 -22.94 0.54 -8.80
C ASP B 121 -21.46 0.87 -8.63
N THR B 122 -20.81 1.21 -9.74
CA THR B 122 -19.38 1.47 -9.72
C THR B 122 -18.99 2.67 -10.57
N VAL B 123 -17.74 3.08 -10.42
CA VAL B 123 -17.14 4.07 -11.29
C VAL B 123 -15.97 3.43 -12.03
N LYS B 124 -15.91 3.64 -13.34
CA LYS B 124 -14.81 3.11 -14.12
C LYS B 124 -13.94 4.25 -14.65
N HIS B 125 -12.63 4.07 -14.59
CA HIS B 125 -11.70 5.12 -15.00
C HIS B 125 -10.93 4.74 -16.26
N TYR B 126 -10.85 5.68 -17.18
CA TYR B 126 -10.11 5.48 -18.43
C TYR B 126 -9.09 6.60 -18.59
N LYS B 127 -7.89 6.22 -19.01
CA LYS B 127 -6.86 7.22 -19.30
C LYS B 127 -7.11 7.80 -20.68
N ILE B 128 -7.11 9.13 -20.76
CA ILE B 128 -7.14 9.81 -22.04
C ILE B 128 -5.70 10.14 -22.40
N ARG B 129 -5.29 9.72 -23.59
CA ARG B 129 -3.89 9.85 -24.00
C ARG B 129 -3.66 11.07 -24.87
N THR B 130 -2.71 11.90 -24.44
CA THR B 130 -2.41 13.15 -25.13
C THR B 130 -1.31 12.97 -26.17
N LEU B 131 -1.62 13.34 -27.40
CA LEU B 131 -0.65 13.25 -28.49
C LEU B 131 0.34 14.40 -28.44
N ASP B 132 1.25 14.43 -29.41
CA ASP B 132 2.16 15.56 -29.58
C ASP B 132 1.57 16.47 -30.64
N ASN B 133 0.62 15.94 -31.38
CA ASN B 133 -0.13 16.68 -32.39
C ASN B 133 -0.82 17.98 -31.92
N GLY B 134 -1.56 17.99 -30.80
CA GLY B 134 -1.75 16.86 -29.92
C GLY B 134 -3.18 16.62 -29.49
N GLY B 135 -3.92 15.88 -30.31
CA GLY B 135 -5.30 15.56 -30.00
C GLY B 135 -5.42 14.53 -28.90
N PHE B 136 -6.63 13.96 -28.75
CA PHE B 136 -6.88 13.04 -27.64
C PHE B 136 -7.47 11.72 -28.10
N TYR B 137 -7.15 10.65 -27.37
CA TYR B 137 -7.76 9.35 -27.59
C TYR B 137 -7.71 8.53 -26.31
N ILE B 138 -8.66 7.62 -26.17
CA ILE B 138 -8.62 6.63 -25.11
C ILE B 138 -8.23 5.31 -25.76
N SER B 139 -8.78 5.07 -26.94
CA SER B 139 -8.42 3.95 -27.78
C SER B 139 -7.75 4.47 -29.04
N PRO B 140 -6.59 3.91 -29.40
CA PRO B 140 -5.84 4.35 -30.58
C PRO B 140 -6.64 4.25 -31.89
N ARG B 141 -7.74 3.50 -31.88
CA ARG B 141 -8.57 3.38 -33.08
C ARG B 141 -9.41 4.63 -33.31
N SER B 142 -9.76 5.33 -32.22
CA SER B 142 -10.59 6.51 -32.32
C SER B 142 -9.85 7.73 -31.74
N THR B 143 -9.65 8.74 -32.59
CA THR B 143 -8.89 9.93 -32.20
C THR B 143 -9.72 11.20 -32.34
N PHE B 144 -9.35 12.24 -31.59
CA PHE B 144 -10.14 13.47 -31.53
C PHE B 144 -9.30 14.72 -31.40
N SER B 145 -9.83 15.83 -31.90
CA SER B 145 -9.14 17.12 -31.83
C SER B 145 -9.40 17.82 -30.50
N THR B 146 -10.66 17.79 -30.07
CA THR B 146 -11.04 18.39 -28.80
C THR B 146 -11.59 17.33 -27.87
N LEU B 147 -11.56 17.62 -26.58
CA LEU B 147 -12.14 16.71 -25.60
C LEU B 147 -13.66 16.67 -25.76
N GLN B 148 -14.23 17.77 -26.24
CA GLN B 148 -15.66 17.84 -26.53
C GLN B 148 -16.03 16.84 -27.62
N GLU B 149 -15.17 16.76 -28.64
CA GLU B 149 -15.34 15.77 -29.70
C GLU B 149 -15.40 14.37 -29.09
N LEU B 150 -14.40 14.07 -28.26
CA LEU B 150 -14.34 12.79 -27.55
C LEU B 150 -15.62 12.55 -26.76
N VAL B 151 -15.98 13.53 -25.94
CA VAL B 151 -17.18 13.45 -25.12
C VAL B 151 -18.40 13.14 -25.99
N ASP B 152 -18.53 13.87 -27.09
CA ASP B 152 -19.66 13.70 -28.00
C ASP B 152 -19.72 12.30 -28.61
N HIS B 153 -18.56 11.79 -29.02
CA HIS B 153 -18.50 10.46 -29.63
C HIS B 153 -19.03 9.38 -28.70
N TYR B 154 -18.55 9.38 -27.46
CA TYR B 154 -18.96 8.38 -26.49
C TYR B 154 -20.31 8.71 -25.87
N LYS B 155 -20.82 9.91 -26.16
CA LYS B 155 -22.10 10.33 -25.61
C LYS B 155 -23.24 9.52 -26.22
N LYS B 156 -23.07 9.10 -27.46
CA LYS B 156 -24.00 8.17 -28.08
C LYS B 156 -23.25 7.00 -28.70
N GLY B 157 -23.21 5.89 -27.98
CA GLY B 157 -22.48 4.71 -28.42
C GLY B 157 -21.25 4.51 -27.57
N ASN B 158 -21.21 3.40 -26.84
CA ASN B 158 -20.03 3.08 -26.04
C ASN B 158 -19.00 2.31 -26.84
N ASP B 159 -18.20 3.05 -27.61
CA ASP B 159 -17.18 2.46 -28.46
C ASP B 159 -16.06 1.85 -27.62
N GLY B 160 -16.38 0.81 -26.86
CA GLY B 160 -15.41 0.10 -26.06
C GLY B 160 -15.55 0.29 -24.56
N LEU B 161 -16.25 1.34 -24.16
CA LEU B 161 -16.40 1.65 -22.74
C LEU B 161 -17.43 0.75 -22.07
N CYS B 162 -17.37 0.69 -20.74
CA CYS B 162 -18.31 -0.11 -19.95
C CYS B 162 -19.74 0.39 -20.19
N GLN B 163 -19.91 1.70 -20.14
CA GLN B 163 -21.19 2.33 -20.41
C GLN B 163 -20.97 3.54 -21.31
N LYS B 164 -22.02 3.93 -22.03
CA LYS B 164 -21.92 5.13 -22.87
C LYS B 164 -22.22 6.36 -22.01
N LEU B 165 -21.65 7.50 -22.41
CA LEU B 165 -21.77 8.72 -21.62
C LEU B 165 -23.17 9.31 -21.66
N SER B 166 -23.73 9.59 -20.48
CA SER B 166 -25.05 10.20 -20.39
C SER B 166 -24.94 11.69 -20.11
N VAL B 167 -24.94 12.05 -18.82
CA VAL B 167 -24.84 13.45 -18.43
C VAL B 167 -23.64 13.66 -17.51
N PRO B 168 -23.10 14.89 -17.51
CA PRO B 168 -22.03 15.27 -16.56
C PRO B 168 -22.43 15.01 -15.11
N CYS B 169 -21.43 14.70 -14.29
CA CYS B 169 -21.63 14.46 -12.86
C CYS B 169 -22.34 15.64 -12.21
N MET B 170 -23.14 15.36 -11.19
CA MET B 170 -23.82 16.42 -10.46
C MET B 170 -22.82 17.29 -9.73
N SER B 171 -22.74 18.54 -10.15
CA SER B 171 -21.87 19.51 -9.50
C SER B 171 -22.70 20.37 -8.56
N SER B 172 -22.03 21.04 -7.63
CA SER B 172 -22.73 21.92 -6.70
C SER B 172 -21.98 23.22 -6.49
N LYS B 173 -22.73 24.28 -6.25
CA LYS B 173 -22.18 25.59 -5.94
C LYS B 173 -21.26 25.49 -4.74
N PRO B 174 -19.96 25.74 -4.94
CA PRO B 174 -18.96 25.66 -3.86
C PRO B 174 -19.29 26.60 -2.72
N GLN B 175 -18.70 26.36 -1.56
CA GLN B 175 -18.90 27.24 -0.42
C GLN B 175 -18.30 28.61 -0.70
N LYS B 176 -19.04 29.66 -0.37
CA LYS B 176 -18.53 31.01 -0.47
C LYS B 176 -17.28 31.14 0.39
N PRO B 177 -16.29 31.91 -0.08
CA PRO B 177 -15.14 32.15 0.79
C PRO B 177 -15.47 33.21 1.83
N TRP B 178 -14.67 33.27 2.89
CA TRP B 178 -14.89 34.20 3.98
C TRP B 178 -14.73 35.64 3.51
N GLU B 179 -15.33 36.57 4.25
CA GLU B 179 -15.24 37.99 3.94
C GLU B 179 -13.80 38.45 3.80
N LYS B 180 -13.58 39.36 2.87
CA LYS B 180 -12.27 39.93 2.60
C LYS B 180 -11.69 40.58 3.85
N ASP B 181 -10.44 40.25 4.16
CA ASP B 181 -9.69 40.88 5.24
C ASP B 181 -10.45 40.88 6.57
N ALA B 182 -11.22 39.83 6.80
CA ALA B 182 -12.04 39.74 8.01
C ALA B 182 -11.52 38.65 8.95
N TRP B 183 -10.23 38.70 9.26
CA TRP B 183 -9.64 37.73 10.17
C TRP B 183 -10.00 38.09 11.61
N GLU B 184 -9.46 39.21 12.09
CA GLU B 184 -9.88 39.76 13.37
C GLU B 184 -11.24 40.42 13.17
N ILE B 185 -12.23 40.03 13.96
CA ILE B 185 -13.56 40.62 13.85
C ILE B 185 -14.08 41.08 15.21
N PRO B 186 -15.06 41.99 15.21
CA PRO B 186 -15.70 42.37 16.47
C PRO B 186 -16.84 41.43 16.83
N ARG B 187 -17.12 41.31 18.11
CA ARG B 187 -18.11 40.35 18.63
C ARG B 187 -19.52 40.69 18.16
N GLU B 188 -19.73 41.94 17.79
CA GLU B 188 -21.06 42.46 17.45
C GLU B 188 -21.56 41.90 16.12
N SER B 189 -20.64 41.42 15.29
CA SER B 189 -20.98 40.82 14.01
C SER B 189 -21.64 39.46 14.22
N LEU B 190 -21.41 38.89 15.40
CA LEU B 190 -21.89 37.55 15.71
C LEU B 190 -23.19 37.57 16.51
N LYS B 191 -24.10 36.68 16.14
CA LYS B 191 -25.27 36.37 16.95
C LYS B 191 -25.26 34.89 17.25
N LEU B 192 -24.77 34.53 18.43
CA LEU B 192 -24.69 33.12 18.82
C LEU B 192 -26.07 32.62 19.23
N GLU B 193 -26.69 31.84 18.35
CA GLU B 193 -28.11 31.52 18.49
C GLU B 193 -28.42 30.24 19.26
N LYS B 194 -27.44 29.35 19.43
CA LYS B 194 -27.73 28.05 20.01
C LYS B 194 -26.49 27.30 20.50
N LYS B 195 -26.50 26.92 21.77
CA LYS B 195 -25.44 26.08 22.32
C LYS B 195 -25.56 24.69 21.72
N LEU B 196 -24.47 24.22 21.09
CA LEU B 196 -24.47 22.91 20.48
C LEU B 196 -23.77 21.91 21.39
N GLY B 197 -22.78 22.41 22.12
CA GLY B 197 -22.04 21.61 23.09
C GLY B 197 -21.27 22.49 24.03
N ALA B 198 -21.04 22.01 25.24
CA ALA B 198 -20.29 22.76 26.24
C ALA B 198 -19.18 21.88 26.81
N GLY B 199 -18.13 22.51 27.34
CA GLY B 199 -16.99 21.76 27.81
C GLY B 199 -16.16 22.38 28.93
N GLN B 200 -15.02 21.74 29.17
CA GLN B 200 -14.12 22.12 30.27
C GLN B 200 -13.43 23.45 29.99
N PHE B 201 -13.32 23.81 28.71
CA PHE B 201 -12.58 25.01 28.32
C PHE B 201 -13.48 26.02 27.62
N GLY B 202 -14.71 25.61 27.32
CA GLY B 202 -15.65 26.50 26.67
C GLY B 202 -16.82 25.78 26.05
N GLU B 203 -17.60 26.52 25.27
CA GLU B 203 -18.78 25.98 24.63
C GLU B 203 -18.68 26.13 23.11
N VAL B 204 -19.61 25.49 22.41
CA VAL B 204 -19.70 25.63 20.97
C VAL B 204 -21.11 26.04 20.57
N TRP B 205 -21.21 27.15 19.84
CA TRP B 205 -22.51 27.67 19.44
C TRP B 205 -22.69 27.69 17.93
N MET B 206 -23.91 27.39 17.48
CA MET B 206 -24.29 27.71 16.13
C MET B 206 -24.58 29.19 16.13
N ALA B 207 -24.14 29.91 15.10
CA ALA B 207 -24.28 31.35 15.09
C ALA B 207 -24.53 31.91 13.70
N THR B 208 -24.56 33.24 13.63
CA THR B 208 -24.71 33.94 12.37
C THR B 208 -23.81 35.16 12.34
N TYR B 209 -23.10 35.34 11.24
CA TYR B 209 -22.16 36.44 11.08
C TYR B 209 -22.74 37.49 10.14
N ASN B 210 -23.10 38.64 10.69
CA ASN B 210 -23.69 39.74 9.92
C ASN B 210 -24.93 39.34 9.14
N LYS B 211 -25.77 38.51 9.76
CA LYS B 211 -27.09 38.15 9.22
C LYS B 211 -27.06 37.49 7.84
N HIS B 212 -25.89 37.00 7.43
CA HIS B 212 -25.79 36.38 6.11
C HIS B 212 -25.14 35.00 6.09
N THR B 213 -24.29 34.71 7.07
CA THR B 213 -23.52 33.47 7.04
C THR B 213 -23.64 32.63 8.32
N LYS B 214 -24.17 31.42 8.17
CA LYS B 214 -24.25 30.48 9.27
C LYS B 214 -22.85 29.95 9.60
N VAL B 215 -22.47 30.03 10.87
CA VAL B 215 -21.14 29.59 11.29
C VAL B 215 -21.19 28.77 12.57
N ALA B 216 -20.01 28.46 13.10
CA ALA B 216 -19.88 27.81 14.38
C ALA B 216 -18.88 28.61 15.20
N VAL B 217 -19.18 28.81 16.49
CA VAL B 217 -18.32 29.59 17.35
C VAL B 217 -17.96 28.82 18.62
N LYS B 218 -16.66 28.69 18.86
CA LYS B 218 -16.18 28.05 20.08
C LYS B 218 -15.68 29.11 21.03
N THR B 219 -16.38 29.26 22.15
CA THR B 219 -15.99 30.26 23.15
C THR B 219 -14.82 29.71 23.96
N MET B 220 -13.97 30.60 24.47
CA MET B 220 -12.80 30.16 25.20
C MET B 220 -12.74 30.75 26.61
N LYS B 221 -13.11 29.94 27.59
CA LYS B 221 -12.90 30.30 28.98
C LYS B 221 -11.42 30.55 29.19
N PRO B 222 -11.06 31.74 29.67
CA PRO B 222 -9.65 32.05 29.92
C PRO B 222 -9.08 31.14 31.00
N GLY B 223 -7.85 30.68 30.82
CA GLY B 223 -7.23 29.80 31.79
C GLY B 223 -5.73 29.97 31.88
N SER B 224 -5.01 28.88 31.68
CA SER B 224 -3.55 28.89 31.71
C SER B 224 -2.97 29.39 30.39
N MET B 225 -3.85 29.88 29.52
CA MET B 225 -3.46 30.42 28.24
C MET B 225 -2.71 31.74 28.40
N SER B 226 -2.65 32.50 27.32
CA SER B 226 -2.17 33.87 27.38
C SER B 226 -3.15 34.78 26.66
N VAL B 227 -2.74 36.01 26.40
CA VAL B 227 -3.59 36.98 25.73
C VAL B 227 -3.31 37.01 24.23
N GLU B 228 -2.04 37.12 23.88
CA GLU B 228 -1.63 37.20 22.48
C GLU B 228 -0.95 35.93 22.00
N ALA B 229 -0.56 35.07 22.94
CA ALA B 229 0.14 33.84 22.59
C ALA B 229 -0.83 32.78 22.08
N PHE B 230 -2.12 32.98 22.30
CA PHE B 230 -3.13 32.09 21.74
C PHE B 230 -3.16 32.31 20.23
N LEU B 231 -3.30 33.57 19.83
CA LEU B 231 -3.44 33.95 18.43
C LEU B 231 -2.30 33.41 17.57
N ALA B 232 -1.11 33.31 18.16
CA ALA B 232 0.03 32.72 17.49
C ALA B 232 -0.28 31.27 17.12
N GLU B 233 -0.77 30.51 18.10
CA GLU B 233 -1.12 29.11 17.88
C GLU B 233 -2.49 28.99 17.19
N ALA B 234 -3.03 30.13 16.78
CA ALA B 234 -4.28 30.15 16.03
C ALA B 234 -4.03 30.68 14.63
N ASN B 235 -3.05 31.56 14.49
CA ASN B 235 -2.63 32.04 13.18
C ASN B 235 -1.76 31.00 12.49
N VAL B 236 -1.19 30.10 13.29
CA VAL B 236 -0.50 28.93 12.76
C VAL B 236 -1.52 28.03 12.10
N MET B 237 -2.64 27.83 12.78
CA MET B 237 -3.69 26.92 12.31
C MET B 237 -4.43 27.47 11.09
N LYS B 238 -4.19 28.74 10.78
CA LYS B 238 -4.81 29.36 9.61
C LYS B 238 -4.04 29.01 8.35
N THR B 239 -2.73 28.77 8.50
CA THR B 239 -1.90 28.39 7.37
C THR B 239 -1.91 26.88 7.12
N LEU B 240 -2.70 26.17 7.92
CA LEU B 240 -2.82 24.72 7.76
C LEU B 240 -4.20 24.36 7.22
N GLN B 241 -4.71 25.18 6.30
CA GLN B 241 -5.97 24.88 5.64
C GLN B 241 -5.83 23.64 4.77
N HIS B 242 -6.79 22.73 4.91
CA HIS B 242 -6.82 21.51 4.13
C HIS B 242 -8.28 21.07 4.11
N ASP B 243 -8.72 20.51 2.99
CA ASP B 243 -10.12 20.13 2.82
C ASP B 243 -10.65 19.26 3.96
N LYS B 244 -9.77 18.46 4.55
CA LYS B 244 -10.17 17.51 5.59
C LYS B 244 -9.96 18.05 7.00
N LEU B 245 -9.53 19.30 7.11
CA LEU B 245 -9.52 19.97 8.41
C LEU B 245 -10.67 20.95 8.43
N VAL B 246 -11.33 21.10 9.58
CA VAL B 246 -12.44 22.05 9.66
C VAL B 246 -11.90 23.48 9.49
N LYS B 247 -12.58 24.25 8.66
CA LYS B 247 -12.09 25.55 8.25
C LYS B 247 -12.13 26.62 9.33
N LEU B 248 -10.97 27.17 9.66
CA LEU B 248 -10.88 28.29 10.59
C LEU B 248 -11.19 29.58 9.84
N HIS B 249 -12.24 30.26 10.26
CA HIS B 249 -12.69 31.47 9.56
C HIS B 249 -12.19 32.76 10.18
N ALA B 250 -12.52 32.99 11.45
CA ALA B 250 -12.24 34.27 12.10
C ALA B 250 -11.99 34.13 13.60
N VAL B 251 -11.65 35.25 14.22
CA VAL B 251 -11.28 35.26 15.64
C VAL B 251 -11.62 36.60 16.30
N VAL B 252 -12.17 36.54 17.51
CA VAL B 252 -12.36 37.73 18.32
C VAL B 252 -11.20 37.89 19.30
N THR B 253 -10.37 38.90 19.07
CA THR B 253 -9.16 39.08 19.87
C THR B 253 -9.46 39.82 21.17
N LYS B 254 -10.40 39.27 21.95
CA LYS B 254 -10.83 39.92 23.17
C LYS B 254 -11.48 38.89 24.09
N GLU B 255 -10.92 38.72 25.28
CA GLU B 255 -11.45 37.76 26.25
C GLU B 255 -12.92 38.03 26.57
N PRO B 256 -13.77 36.99 26.47
CA PRO B 256 -13.39 35.63 26.09
C PRO B 256 -13.22 35.45 24.59
N ILE B 257 -12.10 34.84 24.20
CA ILE B 257 -11.78 34.61 22.79
C ILE B 257 -12.85 33.76 22.11
N TYR B 258 -13.29 34.20 20.93
CA TYR B 258 -14.21 33.40 20.12
C TYR B 258 -13.48 32.89 18.89
N ILE B 259 -13.69 31.61 18.59
CA ILE B 259 -13.11 30.99 17.40
C ILE B 259 -14.22 30.64 16.41
N ILE B 260 -14.18 31.23 15.23
CA ILE B 260 -15.24 31.04 14.24
C ILE B 260 -14.81 30.08 13.14
N THR B 261 -15.57 29.00 12.97
CA THR B 261 -15.29 28.01 11.95
C THR B 261 -16.50 27.79 11.06
N GLU B 262 -16.30 27.06 9.97
CA GLU B 262 -17.39 26.66 9.11
C GLU B 262 -18.36 25.81 9.91
N PHE B 263 -19.64 25.84 9.54
CA PHE B 263 -20.63 25.05 10.23
C PHE B 263 -20.79 23.67 9.61
N MET B 264 -20.55 22.64 10.42
CA MET B 264 -20.74 21.26 9.98
C MET B 264 -22.14 20.80 10.38
N ALA B 265 -23.03 20.70 9.39
CA ALA B 265 -24.46 20.56 9.66
C ALA B 265 -24.91 19.29 10.39
N LYS B 266 -23.97 18.37 10.66
CA LYS B 266 -24.34 17.12 11.32
C LYS B 266 -23.54 16.85 12.60
N GLY B 267 -22.83 17.87 13.08
CA GLY B 267 -22.10 17.75 14.33
C GLY B 267 -20.97 16.73 14.30
N SER B 268 -20.74 16.08 15.44
CA SER B 268 -19.66 15.13 15.57
C SER B 268 -20.02 13.80 14.92
N LEU B 269 -19.01 13.08 14.45
CA LEU B 269 -19.20 11.75 13.88
C LEU B 269 -19.77 10.83 14.95
N LEU B 270 -19.32 11.03 16.18
CA LEU B 270 -19.80 10.25 17.32
C LEU B 270 -21.31 10.34 17.44
N ASP B 271 -21.81 11.57 17.49
CA ASP B 271 -23.25 11.80 17.61
C ASP B 271 -23.98 11.51 16.30
N PHE B 272 -23.24 11.52 15.20
CA PHE B 272 -23.84 11.16 13.92
C PHE B 272 -24.01 9.66 13.77
N LEU B 273 -23.03 8.90 14.25
CA LEU B 273 -23.10 7.44 14.15
C LEU B 273 -24.13 6.87 15.12
N LYS B 274 -24.33 7.56 16.24
CA LYS B 274 -25.34 7.17 17.20
C LYS B 274 -26.74 7.55 16.70
N SER B 275 -26.78 8.36 15.66
CA SER B 275 -28.05 8.82 15.10
C SER B 275 -28.81 7.72 14.37
N ASP B 276 -29.95 8.08 13.80
CA ASP B 276 -30.76 7.15 13.02
C ASP B 276 -30.27 7.08 11.59
N GLU B 277 -29.84 8.22 11.05
CA GLU B 277 -29.26 8.24 9.71
C GLU B 277 -27.89 7.58 9.76
N GLY B 278 -27.18 7.80 10.87
CA GLY B 278 -25.86 7.24 11.05
C GLY B 278 -25.88 5.80 11.52
N SER B 279 -27.02 5.13 11.32
CA SER B 279 -27.12 3.70 11.57
C SER B 279 -27.78 3.03 10.38
N LYS B 280 -27.81 3.73 9.25
CA LYS B 280 -28.29 3.18 7.99
C LYS B 280 -27.16 3.20 6.97
N GLN B 281 -26.01 3.70 7.40
CA GLN B 281 -24.83 3.77 6.55
C GLN B 281 -24.13 2.43 6.47
N PRO B 282 -24.20 1.76 5.31
CA PRO B 282 -23.57 0.46 5.15
C PRO B 282 -22.05 0.54 5.29
N LEU B 283 -21.43 -0.62 5.48
CA LEU B 283 -19.98 -0.71 5.72
C LEU B 283 -19.06 0.10 4.80
N PRO B 284 -19.29 0.09 3.47
CA PRO B 284 -18.41 0.90 2.60
C PRO B 284 -18.45 2.39 2.91
N LYS B 285 -19.54 2.88 3.49
CA LYS B 285 -19.65 4.29 3.84
C LYS B 285 -18.76 4.61 5.04
N LEU B 286 -18.82 3.74 6.04
CA LEU B 286 -18.03 3.90 7.26
C LEU B 286 -16.54 3.89 6.93
N ILE B 287 -16.16 2.99 6.04
CA ILE B 287 -14.78 2.91 5.57
C ILE B 287 -14.39 4.20 4.85
N ASP B 288 -15.31 4.69 4.03
CA ASP B 288 -15.12 5.94 3.31
C ASP B 288 -14.84 7.11 4.26
N PHE B 289 -15.53 7.12 5.40
CA PHE B 289 -15.30 8.12 6.44
C PHE B 289 -13.86 8.01 6.95
N SER B 290 -13.45 6.79 7.25
CA SER B 290 -12.14 6.51 7.81
C SER B 290 -11.05 6.98 6.85
N ALA B 291 -11.28 6.77 5.57
CA ALA B 291 -10.35 7.19 4.52
C ALA B 291 -10.22 8.71 4.51
N GLN B 292 -11.34 9.40 4.69
CA GLN B 292 -11.36 10.86 4.71
C GLN B 292 -10.57 11.40 5.89
N ILE B 293 -10.78 10.79 7.06
CA ILE B 293 -10.06 11.18 8.26
C ILE B 293 -8.57 10.92 8.06
N ALA B 294 -8.25 9.74 7.54
CA ALA B 294 -6.86 9.34 7.30
C ALA B 294 -6.16 10.31 6.36
N GLU B 295 -6.90 10.82 5.37
CA GLU B 295 -6.33 11.81 4.46
C GLU B 295 -5.99 13.08 5.21
N GLY B 296 -6.86 13.46 6.14
CA GLY B 296 -6.63 14.61 6.99
C GLY B 296 -5.40 14.40 7.86
N MET B 297 -5.32 13.23 8.49
CA MET B 297 -4.18 12.88 9.33
C MET B 297 -2.88 12.78 8.53
N ALA B 298 -2.97 12.26 7.32
CA ALA B 298 -1.82 12.14 6.42
C ALA B 298 -1.21 13.51 6.15
N PHE B 299 -2.08 14.48 5.86
CA PHE B 299 -1.66 15.86 5.65
C PHE B 299 -0.98 16.40 6.91
N ILE B 300 -1.57 16.11 8.06
CA ILE B 300 -1.00 16.52 9.34
C ILE B 300 0.34 15.83 9.54
N GLU B 301 0.40 14.57 9.15
CA GLU B 301 1.61 13.76 9.26
C GLU B 301 2.72 14.33 8.36
N GLN B 302 2.34 14.73 7.15
CA GLN B 302 3.28 15.29 6.18
C GLN B 302 3.74 16.69 6.59
N ARG B 303 3.03 17.30 7.52
CA ARG B 303 3.41 18.61 8.03
C ARG B 303 4.25 18.51 9.30
N ASN B 304 4.39 17.29 9.81
CA ASN B 304 5.10 17.03 11.05
C ASN B 304 4.48 17.74 12.25
N TYR B 305 3.16 17.87 12.22
CA TYR B 305 2.40 18.29 13.39
C TYR B 305 1.69 17.05 13.94
N ILE B 306 1.07 17.19 15.11
CA ILE B 306 0.44 16.07 15.78
C ILE B 306 -0.94 16.51 16.30
N HIS B 307 -1.84 15.56 16.53
CA HIS B 307 -3.22 15.91 16.92
C HIS B 307 -3.52 15.78 18.41
N ARG B 308 -2.97 14.73 19.05
CA ARG B 308 -3.10 14.49 20.49
C ARG B 308 -4.44 13.90 20.96
N ASP B 309 -5.55 14.38 20.40
CA ASP B 309 -6.88 13.96 20.86
C ASP B 309 -7.78 13.52 19.71
N LEU B 310 -7.68 12.25 19.32
CA LEU B 310 -8.40 11.76 18.16
C LEU B 310 -9.48 10.74 18.50
N ARG B 311 -10.70 11.04 18.04
CA ARG B 311 -11.85 10.16 18.21
C ARG B 311 -13.01 10.71 17.39
N ALA B 312 -14.10 9.94 17.30
CA ALA B 312 -15.26 10.34 16.53
C ALA B 312 -15.86 11.66 17.04
N ALA B 313 -15.66 11.93 18.31
CA ALA B 313 -16.15 13.17 18.93
C ALA B 313 -15.51 14.39 18.31
N ASN B 314 -14.25 14.25 17.89
CA ASN B 314 -13.51 15.36 17.28
C ASN B 314 -13.42 15.26 15.76
N ILE B 315 -14.29 14.46 15.18
CA ILE B 315 -14.50 14.48 13.74
C ILE B 315 -15.88 15.06 13.49
N LEU B 316 -15.99 15.98 12.55
CA LEU B 316 -17.26 16.60 12.26
C LEU B 316 -17.77 16.16 10.89
N VAL B 317 -19.09 16.17 10.73
CA VAL B 317 -19.69 15.72 9.48
C VAL B 317 -20.47 16.85 8.81
N SER B 318 -20.24 17.02 7.51
CA SER B 318 -20.99 18.02 6.76
C SER B 318 -22.36 17.45 6.42
N ALA B 319 -23.21 18.28 5.80
CA ALA B 319 -24.56 17.86 5.44
C ALA B 319 -24.55 16.83 4.32
N SER B 320 -23.50 16.85 3.51
CA SER B 320 -23.36 15.90 2.40
C SER B 320 -22.43 14.76 2.79
N LEU B 321 -22.30 14.53 4.08
CA LEU B 321 -21.53 13.41 4.63
C LEU B 321 -20.06 13.45 4.25
N VAL B 322 -19.40 14.54 4.63
CA VAL B 322 -17.96 14.69 4.44
C VAL B 322 -17.30 14.92 5.79
N CYS B 323 -16.41 14.02 6.18
CA CYS B 323 -15.79 14.09 7.50
C CYS B 323 -14.57 15.00 7.53
N LYS B 324 -14.50 15.84 8.56
CA LYS B 324 -13.34 16.70 8.75
C LYS B 324 -12.83 16.59 10.18
N ILE B 325 -11.52 16.64 10.34
CA ILE B 325 -10.91 16.66 11.65
C ILE B 325 -11.15 18.03 12.31
N ALA B 326 -11.86 18.02 13.44
CA ALA B 326 -12.12 19.23 14.22
C ALA B 326 -10.87 19.59 15.04
N ASP B 327 -10.35 20.79 14.83
CA ASP B 327 -8.97 21.18 15.29
C ASP B 327 -8.86 20.90 16.78
N PHE B 328 -7.89 20.14 17.33
CA PHE B 328 -6.49 19.88 16.93
C PHE B 328 -5.44 20.91 17.38
N GLY B 329 -5.42 22.05 16.73
CA GLY B 329 -4.53 23.13 17.12
C GLY B 329 -4.61 23.45 18.61
N LEU B 330 -5.83 23.34 19.15
CA LEU B 330 -6.10 23.46 20.59
C LEU B 330 -5.24 22.57 21.49
N ALA B 331 -4.89 21.39 20.99
CA ALA B 331 -4.11 20.42 21.77
C ALA B 331 -2.85 21.04 22.35
N ARG B 332 -2.24 21.95 21.60
CA ARG B 332 -1.05 22.66 22.04
C ARG B 332 -1.33 23.44 23.33
N VAL B 333 -2.36 24.27 23.29
CA VAL B 333 -2.69 25.13 24.43
C VAL B 333 -3.48 24.40 25.50
N ILE B 334 -2.77 23.66 26.35
CA ILE B 334 -3.40 22.94 27.45
C ILE B 334 -2.37 22.57 28.52
N PRO B 348 -10.39 10.09 28.08
CA PRO B 348 -9.05 10.66 27.88
C PRO B 348 -7.98 9.58 27.88
N ILE B 349 -8.39 8.33 27.66
CA ILE B 349 -7.47 7.21 27.82
C ILE B 349 -7.65 6.07 26.82
N LYS B 350 -8.90 5.74 26.50
CA LYS B 350 -9.18 4.60 25.62
C LYS B 350 -8.65 4.83 24.20
N TRP B 351 -8.45 6.09 23.84
CA TRP B 351 -7.88 6.46 22.55
C TRP B 351 -6.40 6.77 22.69
N THR B 352 -5.77 6.22 23.73
CA THR B 352 -4.39 6.57 24.03
C THR B 352 -3.49 5.34 24.11
N ALA B 353 -2.36 5.40 23.39
CA ALA B 353 -1.36 4.35 23.41
C ALA B 353 -0.50 4.47 24.67
N PRO B 354 0.10 3.36 25.12
CA PRO B 354 1.02 3.33 26.26
C PRO B 354 2.01 4.50 26.27
N GLU B 355 2.96 4.46 25.34
CA GLU B 355 3.97 5.50 25.14
C GLU B 355 3.50 6.93 25.43
N ALA B 356 2.26 7.23 25.08
CA ALA B 356 1.71 8.56 25.28
C ALA B 356 1.46 8.88 26.75
N ILE B 357 0.67 8.03 27.41
CA ILE B 357 0.36 8.24 28.81
C ILE B 357 1.57 7.93 29.69
N ASN B 358 1.83 6.65 29.89
CA ASN B 358 2.86 6.16 30.81
C ASN B 358 4.22 6.82 30.62
N PHE B 359 4.90 6.48 29.53
CA PHE B 359 6.23 7.01 29.26
C PHE B 359 6.17 8.51 28.93
N GLY B 360 4.96 9.03 28.79
CA GLY B 360 4.75 10.47 28.62
C GLY B 360 5.20 11.03 27.29
N SER B 361 4.68 10.48 26.19
CA SER B 361 5.09 10.93 24.87
C SER B 361 4.06 10.65 23.77
N PHE B 362 3.27 11.67 23.44
CA PHE B 362 2.38 11.58 22.29
C PHE B 362 3.22 11.74 21.03
N THR B 363 3.00 10.88 20.05
CA THR B 363 3.64 11.04 18.75
C THR B 363 2.64 10.72 17.64
N ILE B 364 3.03 10.99 16.39
CA ILE B 364 2.16 10.71 15.26
C ILE B 364 1.75 9.24 15.21
N LYS B 365 2.60 8.39 15.78
CA LYS B 365 2.32 6.96 15.86
C LYS B 365 1.28 6.65 16.92
N SER B 366 1.17 7.51 17.93
CA SER B 366 0.16 7.34 18.96
C SER B 366 -1.21 7.79 18.47
N ASP B 367 -1.21 8.71 17.51
CA ASP B 367 -2.45 9.10 16.84
C ASP B 367 -2.94 7.94 15.98
N VAL B 368 -1.99 7.19 15.42
CA VAL B 368 -2.30 6.00 14.66
C VAL B 368 -3.03 5.00 15.54
N TRP B 369 -2.62 4.93 16.80
CA TRP B 369 -3.32 4.11 17.80
C TRP B 369 -4.74 4.61 17.95
N SER B 370 -4.88 5.92 18.11
CA SER B 370 -6.17 6.56 18.28
C SER B 370 -7.06 6.27 17.07
N PHE B 371 -6.47 6.41 15.89
CA PHE B 371 -7.17 6.14 14.63
C PHE B 371 -7.71 4.71 14.62
N GLY B 372 -6.94 3.79 15.18
CA GLY B 372 -7.34 2.40 15.27
C GLY B 372 -8.59 2.24 16.11
N ILE B 373 -8.63 2.92 17.25
CA ILE B 373 -9.80 2.88 18.12
C ILE B 373 -10.97 3.62 17.45
N LEU B 374 -10.66 4.77 16.85
CA LEU B 374 -11.64 5.53 16.08
C LEU B 374 -12.25 4.65 15.00
N LEU B 375 -11.39 3.90 14.32
CA LEU B 375 -11.81 2.94 13.31
C LEU B 375 -12.82 1.97 13.91
N MET B 376 -12.52 1.48 15.10
CA MET B 376 -13.42 0.56 15.80
C MET B 376 -14.71 1.25 16.24
N GLU B 377 -14.57 2.50 16.68
CA GLU B 377 -15.73 3.33 16.99
C GLU B 377 -16.66 3.41 15.79
N ILE B 378 -16.06 3.72 14.64
CA ILE B 378 -16.80 3.92 13.41
C ILE B 378 -17.51 2.64 12.97
N VAL B 379 -16.83 1.51 13.15
CA VAL B 379 -17.38 0.22 12.74
C VAL B 379 -18.49 -0.25 13.69
N THR B 380 -18.38 0.14 14.96
CA THR B 380 -19.41 -0.22 15.94
C THR B 380 -20.45 0.89 16.14
N TYR B 381 -20.56 1.78 15.16
CA TYR B 381 -21.57 2.83 15.14
C TYR B 381 -21.60 3.69 16.41
N GLY B 382 -20.41 4.00 16.94
CA GLY B 382 -20.30 4.89 18.07
C GLY B 382 -20.12 4.23 19.42
N ARG B 383 -20.34 2.92 19.47
CA ARG B 383 -20.18 2.14 20.70
C ARG B 383 -18.85 2.46 21.36
N ILE B 384 -18.90 2.83 22.64
CA ILE B 384 -17.70 3.23 23.36
C ILE B 384 -16.69 2.08 23.40
N PRO B 385 -15.42 2.40 23.14
CA PRO B 385 -14.31 1.45 23.14
C PRO B 385 -14.25 0.64 24.44
N TYR B 386 -13.90 -0.63 24.33
CA TYR B 386 -13.86 -1.54 25.48
C TYR B 386 -15.14 -1.48 26.31
N PRO B 387 -16.28 -1.90 25.73
CA PRO B 387 -17.55 -1.82 26.45
C PRO B 387 -17.60 -2.79 27.63
N GLY B 388 -18.23 -2.36 28.73
CA GLY B 388 -18.25 -3.16 29.94
C GLY B 388 -16.95 -3.04 30.70
N MET B 389 -15.85 -2.95 29.96
CA MET B 389 -14.53 -2.75 30.55
C MET B 389 -14.41 -1.33 31.10
N SER B 390 -13.30 -1.03 31.75
CA SER B 390 -13.17 0.26 32.43
C SER B 390 -11.74 0.81 32.46
N ASN B 391 -11.64 2.07 32.86
CA ASN B 391 -10.44 2.88 32.70
C ASN B 391 -9.10 2.27 33.18
N PRO B 392 -8.86 2.19 34.50
CA PRO B 392 -7.52 1.64 34.80
C PRO B 392 -7.51 0.12 34.67
N GLU B 393 -8.69 -0.48 34.55
CA GLU B 393 -8.78 -1.91 34.27
C GLU B 393 -8.19 -2.16 32.89
N VAL B 394 -8.61 -1.34 31.93
CA VAL B 394 -8.18 -1.46 30.54
C VAL B 394 -6.66 -1.33 30.38
N ILE B 395 -6.04 -0.48 31.21
CA ILE B 395 -4.61 -0.26 31.17
C ILE B 395 -3.81 -1.56 31.32
N ARG B 396 -4.17 -2.34 32.33
CA ARG B 396 -3.46 -3.59 32.61
C ARG B 396 -3.58 -4.57 31.45
N ALA B 397 -4.79 -4.68 30.90
CA ALA B 397 -5.05 -5.53 29.75
C ALA B 397 -4.25 -5.04 28.54
N LEU B 398 -3.94 -3.74 28.54
CA LEU B 398 -3.10 -3.14 27.51
C LEU B 398 -1.63 -3.50 27.75
N GLU B 399 -1.40 -4.49 28.60
CA GLU B 399 -0.07 -5.06 28.80
C GLU B 399 -0.16 -6.58 28.80
N ARG B 400 -1.33 -7.10 29.16
CA ARG B 400 -1.58 -8.53 29.07
C ARG B 400 -1.79 -8.92 27.61
N GLY B 401 -1.74 -7.94 26.73
CA GLY B 401 -1.82 -8.17 25.30
C GLY B 401 -3.24 -8.16 24.78
N TYR B 402 -4.17 -7.67 25.60
CA TYR B 402 -5.57 -7.62 25.19
C TYR B 402 -5.81 -6.51 24.18
N ARG B 403 -6.34 -6.90 23.02
CA ARG B 403 -6.84 -5.96 22.04
C ARG B 403 -8.33 -6.23 21.91
N MET B 404 -9.07 -5.21 21.49
CA MET B 404 -10.50 -5.37 21.28
C MET B 404 -10.74 -6.45 20.24
N PRO B 405 -11.70 -7.35 20.50
CA PRO B 405 -12.04 -8.43 19.56
C PRO B 405 -12.69 -7.91 18.30
N ARG B 406 -13.01 -8.80 17.36
CA ARG B 406 -13.58 -8.41 16.08
C ARG B 406 -15.10 -8.53 16.08
N PRO B 407 -15.79 -7.42 15.75
CA PRO B 407 -17.25 -7.38 15.68
C PRO B 407 -17.81 -8.15 14.49
N GLU B 408 -19.09 -8.51 14.55
CA GLU B 408 -19.72 -9.34 13.53
C GLU B 408 -19.77 -8.68 12.16
N ASN B 409 -19.78 -7.36 12.13
CA ASN B 409 -19.89 -6.62 10.89
C ASN B 409 -18.52 -6.32 10.27
N CYS B 410 -17.51 -6.26 11.13
CA CYS B 410 -16.17 -5.85 10.71
C CYS B 410 -15.43 -6.94 9.96
N PRO B 411 -14.86 -6.59 8.80
CA PRO B 411 -14.07 -7.53 8.00
C PRO B 411 -12.68 -7.73 8.61
N GLU B 412 -12.16 -8.94 8.51
CA GLU B 412 -10.83 -9.27 9.01
C GLU B 412 -9.78 -8.29 8.50
N GLU B 413 -9.87 -7.97 7.21
CA GLU B 413 -8.90 -7.12 6.55
C GLU B 413 -8.90 -5.71 7.13
N LEU B 414 -10.08 -5.23 7.54
CA LEU B 414 -10.18 -3.94 8.20
C LEU B 414 -9.74 -4.07 9.65
N TYR B 415 -10.15 -5.16 10.28
CA TYR B 415 -9.77 -5.44 11.66
C TYR B 415 -8.25 -5.53 11.80
N ASN B 416 -7.62 -6.16 10.81
CA ASN B 416 -6.18 -6.28 10.79
C ASN B 416 -5.47 -4.92 10.72
N ILE B 417 -6.14 -3.95 10.11
CA ILE B 417 -5.59 -2.61 10.01
C ILE B 417 -5.57 -1.91 11.37
N MET B 418 -6.60 -2.12 12.17
CA MET B 418 -6.61 -1.61 13.53
C MET B 418 -5.49 -2.25 14.32
N MET B 419 -5.32 -3.55 14.11
CA MET B 419 -4.33 -4.33 14.83
C MET B 419 -2.93 -3.82 14.53
N ARG B 420 -2.70 -3.39 13.29
CA ARG B 420 -1.43 -2.78 12.93
C ARG B 420 -1.29 -1.42 13.58
N CYS B 421 -2.42 -0.76 13.81
CA CYS B 421 -2.44 0.52 14.52
C CYS B 421 -2.24 0.30 16.02
N TRP B 422 -2.48 -0.93 16.47
CA TRP B 422 -2.42 -1.23 17.90
C TRP B 422 -1.20 -2.06 18.31
N LYS B 423 -0.12 -1.97 17.56
CA LYS B 423 1.10 -2.67 17.94
C LYS B 423 1.84 -1.88 19.02
N ASN B 424 2.32 -2.60 20.04
CA ASN B 424 2.99 -1.99 21.18
C ASN B 424 4.19 -1.13 20.79
N ARG B 425 4.93 -1.57 19.79
CA ARG B 425 6.09 -0.82 19.31
C ARG B 425 5.65 0.21 18.27
N PRO B 426 5.81 1.49 18.61
CA PRO B 426 5.34 2.65 17.83
C PRO B 426 5.79 2.62 16.38
N GLU B 427 7.10 2.49 16.17
CA GLU B 427 7.70 2.52 14.84
C GLU B 427 7.19 1.42 13.92
N GLU B 428 6.49 0.43 14.48
CA GLU B 428 5.95 -0.66 13.71
C GLU B 428 4.47 -0.47 13.38
N ARG B 429 4.00 0.77 13.52
CA ARG B 429 2.64 1.13 13.11
C ARG B 429 2.71 1.88 11.79
N PRO B 430 1.69 1.68 10.94
CA PRO B 430 1.71 2.26 9.59
C PRO B 430 1.67 3.78 9.60
N THR B 431 2.02 4.40 8.47
CA THR B 431 1.84 5.83 8.30
C THR B 431 0.38 6.08 7.95
N PHE B 432 -0.05 7.33 8.08
CA PHE B 432 -1.40 7.67 7.65
C PHE B 432 -1.49 7.68 6.13
N GLU B 433 -0.36 8.00 5.50
CA GLU B 433 -0.27 7.95 4.04
C GLU B 433 -0.59 6.55 3.55
N TYR B 434 -0.01 5.55 4.21
CA TYR B 434 -0.28 4.16 3.88
C TYR B 434 -1.71 3.76 4.22
N ILE B 435 -2.14 4.09 5.43
CA ILE B 435 -3.49 3.76 5.89
C ILE B 435 -4.55 4.34 4.97
N GLN B 436 -4.37 5.60 4.57
CA GLN B 436 -5.30 6.26 3.66
C GLN B 436 -5.36 5.53 2.31
N SER B 437 -4.20 5.15 1.79
CA SER B 437 -4.12 4.47 0.51
C SER B 437 -4.86 3.13 0.54
N VAL B 438 -4.75 2.43 1.66
CA VAL B 438 -5.40 1.13 1.81
C VAL B 438 -6.91 1.29 1.94
N LEU B 439 -7.35 2.28 2.72
CA LEU B 439 -8.77 2.50 2.92
C LEU B 439 -9.45 3.06 1.67
N ASP B 440 -8.76 3.95 0.96
CA ASP B 440 -9.26 4.50 -0.30
C ASP B 440 -9.65 3.43 -1.32
N ASP B 441 -8.76 2.47 -1.51
CA ASP B 441 -8.96 1.45 -2.54
C ASP B 441 -9.26 0.08 -1.93
N PHE B 442 -9.79 0.10 -0.72
CA PHE B 442 -10.11 -1.11 0.05
C PHE B 442 -10.82 -2.19 -0.76
N TYR B 443 -11.72 -1.78 -1.65
CA TYR B 443 -12.49 -2.71 -2.47
C TYR B 443 -11.96 -2.82 -3.90
N THR B 444 -10.80 -2.23 -4.17
CA THR B 444 -10.30 -2.18 -5.53
C THR B 444 -8.89 -2.77 -5.66
N ALA B 445 -8.80 -3.91 -6.34
CA ALA B 445 -7.50 -4.49 -6.66
C ALA B 445 -6.69 -3.47 -7.46
N THR B 446 -5.40 -3.38 -7.17
CA THR B 446 -4.54 -2.38 -7.80
C THR B 446 -4.66 -2.42 -9.31
N GLU B 447 -4.62 -3.62 -9.87
CA GLU B 447 -4.72 -3.82 -11.31
C GLU B 447 -6.03 -3.29 -11.88
N SER B 448 -7.05 -3.16 -11.03
CA SER B 448 -8.38 -2.77 -11.52
C SER B 448 -8.72 -1.28 -11.39
N GLN B 449 -7.77 -0.48 -10.90
CA GLN B 449 -7.99 0.96 -10.71
C GLN B 449 -8.41 1.63 -12.02
N GLU B 451 -8.98 1.11 -16.35
CA GLU B 451 -9.48 0.05 -17.21
C GLU B 451 -8.60 -0.09 -18.43
N GLU B 452 -8.69 -1.24 -19.08
CA GLU B 452 -7.93 -1.49 -20.30
C GLU B 452 -8.83 -1.30 -21.52
N ILE B 453 -8.27 -0.70 -22.56
CA ILE B 453 -9.04 -0.42 -23.76
C ILE B 453 -8.19 -0.47 -25.03
N PRO B 454 -8.41 -1.49 -25.86
CA PRO B 454 -7.70 -1.69 -27.13
C PRO B 454 -8.21 -0.76 -28.23
#